data_1XMU
#
_entry.id   1XMU
#
_cell.length_a   89.316
_cell.length_b   94.100
_cell.length_c   108.026
_cell.angle_alpha   90.00
_cell.angle_beta   90.00
_cell.angle_gamma   90.00
#
_symmetry.space_group_name_H-M   'P 21 21 21'
#
loop_
_entity.id
_entity.type
_entity.pdbx_description
1 polymer "cAMP-specific 3',5'-cyclic phosphodiesterase 4B"
2 polymer "cAMP-specific 3',5'-cyclic phosphodiesterase 4B"
3 non-polymer 'ZINC ION'
4 non-polymer 'MAGNESIUM ION'
5 non-polymer 3-(CYCLOPROPYLMETHOXY)-N-(3,5-DICHLOROPYRIDIN-4-YL)-4-(DIFLUOROMETHOXY)BENZAMIDE
6 water water
#
loop_
_entity_poly.entity_id
_entity_poly.type
_entity_poly.pdbx_seq_one_letter_code
_entity_poly.pdbx_strand_id
1 'polypeptide(L)'
;MGSSHHHHHHSSGLVPRGSHMSISRFGVNTENEDHLAKELEDLNKWGLNIFNVAGYSHNRPLT(CME)IMYAIFQERDLL
KTFRISSDTFITYMMTLEDHYHSDVAYHNSLHAADVAQSTHVLLSTPALDAVFTDLEILAAIFAAAIHDVDHPGVSNQFL
INTNSELALMYNDESVLENHHLAVGFKLLQEEHCDIFMNLTKKQRQTLRKMVIDMVLATDMSKHMSLLADLKTMVETKKV
TSSGVLLLDNYTDRIQVLRNMVHCADLSNPTKSLELYRQWTDRIMEEFFQQGDKERERGMEISPM(CME)DKHTASVEKS
QVGFIDYIVHPLWETWADLVQPDAQDILDTLEDNRNWYQSMIPQSPSPPLDEQNRDCQGLMEKFQFELTLDEEDSEGPEK
EGEGHS
;
A
2 'polypeptide(L)'
;MGSSHHHHHHSSGLVPRGSHMSISRFGVNTENEDHLAKELEDLNKWGLNIFNVAGYSHNRPLT(CME)IMYAIFQERDLL
KTFRISSDTFITYMMTLEDHYHSDVAYHNSLHAADVAQSTHVLLSTPALDAVFTDLEILAAIFAAAIHDVDHPGVSNQFL
INTNSELALMYNDESVLENHHLAVGFKLLQEEH(CME)DIFMNLTKKQRQTLRKMVIDMVLATDMSKHMSLLADLKTMVE
TKKVTSSGVLLLDNYTDRIQVLRNMVHCADLSNPTKSLELYRQWTDRIMEEFFQQGDKERERGMEISPMCDKHTASVEKS
QVGFIDYIVHPLWETWADLVQPDAQDILDTLEDNRNWYQSMIPQSPSPPLDEQNRDCQGLMEKFQFELTLDEEDSEGPEK
EGEGHS
;
B
#
loop_
_chem_comp.id
_chem_comp.type
_chem_comp.name
_chem_comp.formula
MG non-polymer 'MAGNESIUM ION' 'Mg 2'
ROF non-polymer 3-(CYCLOPROPYLMETHOXY)-N-(3,5-DICHLOROPYRIDIN-4-YL)-4-(DIFLUOROMETHOXY)BENZAMIDE 'C17 H14 Cl2 F2 N2 O3'
ZN non-polymer 'ZINC ION' 'Zn 2'
#
# COMPACT_ATOMS: atom_id res chain seq x y z
N ARG A 25 -11.36 26.38 -27.01
CA ARG A 25 -11.20 25.05 -26.36
C ARG A 25 -11.79 25.10 -24.94
N PHE A 26 -11.49 26.18 -24.23
CA PHE A 26 -12.02 26.41 -22.90
C PHE A 26 -13.36 27.14 -22.97
N GLY A 27 -13.58 27.83 -24.09
CA GLY A 27 -14.80 28.60 -24.30
C GLY A 27 -14.90 29.80 -23.36
N VAL A 28 -13.73 30.30 -22.95
CA VAL A 28 -13.63 31.43 -22.03
C VAL A 28 -14.34 32.60 -22.69
N ASN A 29 -15.38 33.08 -22.02
CA ASN A 29 -16.17 34.18 -22.55
C ASN A 29 -15.29 35.31 -23.00
N THR A 30 -15.76 36.05 -24.00
CA THR A 30 -15.06 37.21 -24.51
C THR A 30 -14.89 38.25 -23.40
N GLU A 31 -15.71 38.14 -22.34
CA GLU A 31 -15.72 39.08 -21.21
C GLU A 31 -14.68 38.74 -20.12
N ASN A 32 -14.35 37.46 -20.00
CA ASN A 32 -13.37 36.95 -19.03
C ASN A 32 -11.97 36.81 -19.63
N GLU A 33 -11.92 36.99 -20.95
CA GLU A 33 -10.73 36.95 -21.78
C GLU A 33 -9.41 37.45 -21.17
N ASP A 34 -9.32 38.77 -21.00
CA ASP A 34 -8.16 39.45 -20.48
C ASP A 34 -8.11 39.42 -18.99
N HIS A 35 -9.25 39.19 -18.33
CA HIS A 35 -9.25 39.05 -16.87
C HIS A 35 -8.41 37.84 -16.49
N LEU A 36 -8.65 36.74 -17.21
CA LEU A 36 -7.92 35.50 -17.05
C LEU A 36 -6.41 35.69 -17.28
N ALA A 37 -6.06 36.27 -18.44
CA ALA A 37 -4.66 36.52 -18.78
C ALA A 37 -4.00 37.43 -17.74
N LYS A 38 -4.74 38.40 -17.23
CA LYS A 38 -4.22 39.30 -16.18
C LYS A 38 -3.96 38.53 -14.89
N GLU A 39 -4.78 37.53 -14.62
CA GLU A 39 -4.57 36.68 -13.46
C GLU A 39 -3.38 35.75 -13.71
N LEU A 40 -3.21 35.27 -14.95
CA LEU A 40 -2.14 34.33 -15.28
C LEU A 40 -0.74 34.94 -15.38
N GLU A 41 -0.63 36.26 -15.20
CA GLU A 41 0.67 36.95 -15.15
C GLU A 41 1.36 36.60 -13.82
N ASP A 42 0.55 36.29 -12.79
CA ASP A 42 1.05 35.85 -11.49
C ASP A 42 1.26 34.33 -11.44
N LEU A 43 1.31 33.66 -12.59
CA LEU A 43 1.47 32.20 -12.69
C LEU A 43 2.62 31.62 -11.90
N ASN A 44 3.76 32.29 -12.00
CA ASN A 44 4.99 31.88 -11.30
C ASN A 44 5.13 32.48 -9.89
N LYS A 45 4.10 33.15 -9.40
CA LYS A 45 4.16 33.80 -8.08
C LYS A 45 3.27 33.14 -7.02
N TRP A 46 3.68 33.21 -5.77
CA TRP A 46 2.92 32.64 -4.66
C TRP A 46 1.55 33.33 -4.51
N GLY A 47 1.47 34.60 -4.92
CA GLY A 47 0.27 35.42 -4.81
C GLY A 47 -0.82 35.23 -5.86
N LEU A 48 -0.65 34.27 -6.78
CA LEU A 48 -1.68 33.95 -7.75
C LEU A 48 -2.98 33.56 -7.06
N ASN A 49 -4.10 34.04 -7.60
CA ASN A 49 -5.44 33.79 -7.06
C ASN A 49 -6.16 32.74 -7.92
N ILE A 50 -6.12 31.49 -7.47
CA ILE A 50 -6.73 30.40 -8.20
C ILE A 50 -8.28 30.50 -8.20
N PHE A 51 -8.85 31.20 -7.21
CA PHE A 51 -10.31 31.40 -7.22
C PHE A 51 -10.68 32.25 -8.42
N ASN A 52 -9.93 33.31 -8.66
CA ASN A 52 -10.15 34.18 -9.81
C ASN A 52 -10.01 33.40 -11.12
N VAL A 53 -9.05 32.49 -11.17
CA VAL A 53 -8.80 31.66 -12.35
C VAL A 53 -9.95 30.68 -12.64
N ALA A 54 -10.51 30.08 -11.60
CA ALA A 54 -11.64 29.17 -11.72
C ALA A 54 -12.88 29.90 -12.25
N GLY A 55 -13.12 31.10 -11.73
CA GLY A 55 -14.26 31.90 -12.15
C GLY A 55 -14.17 32.42 -13.59
N TYR A 56 -12.96 32.68 -14.08
CA TYR A 56 -12.79 33.19 -15.44
C TYR A 56 -12.65 32.09 -16.48
N SER A 57 -12.52 30.84 -16.05
CA SER A 57 -12.37 29.73 -16.99
C SER A 57 -13.57 28.78 -16.96
N HIS A 58 -14.71 29.26 -16.49
CA HIS A 58 -15.93 28.43 -16.38
C HIS A 58 -15.66 27.19 -15.54
N ASN A 59 -15.20 27.46 -14.34
CA ASN A 59 -14.86 26.44 -13.35
C ASN A 59 -14.04 25.27 -13.91
N ARG A 60 -12.97 25.62 -14.63
CA ARG A 60 -12.00 24.63 -15.08
C ARG A 60 -10.59 25.03 -14.63
N PRO A 61 -10.40 25.34 -13.34
CA PRO A 61 -9.09 25.77 -12.85
C PRO A 61 -7.98 24.74 -12.99
N LEU A 62 -8.28 23.46 -12.81
CA LEU A 62 -7.22 22.45 -12.92
C LEU A 62 -6.71 22.34 -14.34
N THR A 63 -7.61 22.27 -15.32
CA THR A 63 -7.24 22.16 -16.71
C THR A 63 -6.44 23.39 -17.16
N CME A 64 -7.01 24.58 -17.14
CA CME A 64 -6.53 25.92 -17.22
CB CME A 64 -7.42 27.04 -16.65
SG CME A 64 -6.80 28.60 -17.21
SD CME A 64 -6.97 28.63 -19.25
CE CME A 64 -5.65 29.51 -20.06
CZ CME A 64 -4.40 28.70 -20.27
OH CME A 64 -3.43 29.27 -20.76
C CME A 64 -5.10 26.09 -16.74
O CME A 64 -4.16 26.15 -17.54
N ILE A 65 -4.91 25.96 -15.41
CA ILE A 65 -3.56 26.14 -14.78
C ILE A 65 -2.57 25.10 -15.20
N MET A 66 -3.00 23.87 -15.48
CA MET A 66 -2.08 22.83 -15.87
C MET A 66 -1.58 23.11 -17.29
N TYR A 67 -2.46 23.60 -18.16
CA TYR A 67 -2.06 23.99 -19.50
C TYR A 67 -1.05 25.14 -19.41
N ALA A 68 -1.36 26.15 -18.61
CA ALA A 68 -0.50 27.31 -18.43
C ALA A 68 0.87 26.91 -17.93
N ILE A 69 0.92 26.01 -16.96
CA ILE A 69 2.17 25.59 -16.34
C ILE A 69 2.98 24.79 -17.32
N PHE A 70 2.33 23.96 -18.12
CA PHE A 70 3.02 23.16 -19.12
C PHE A 70 3.56 24.00 -20.29
N GLN A 71 2.90 25.12 -20.62
CA GLN A 71 3.41 25.99 -21.69
C GLN A 71 4.61 26.79 -21.18
N GLU A 72 4.48 27.36 -19.99
CA GLU A 72 5.55 28.14 -19.35
C GLU A 72 6.86 27.38 -19.25
N ARG A 73 6.78 26.13 -18.80
CA ARG A 73 7.94 25.29 -18.63
C ARG A 73 8.30 24.55 -19.90
N ASP A 74 7.48 24.74 -20.94
CA ASP A 74 7.66 24.08 -22.25
C ASP A 74 7.72 22.53 -22.23
N LEU A 75 6.94 21.96 -21.32
CA LEU A 75 6.87 20.52 -21.14
C LEU A 75 6.16 19.82 -22.27
N LEU A 76 5.24 20.48 -22.97
CA LEU A 76 4.58 19.82 -24.10
C LEU A 76 5.62 19.54 -25.20
N LYS A 77 6.53 20.47 -25.45
CA LYS A 77 7.57 20.29 -26.47
C LYS A 77 8.57 19.19 -26.07
N THR A 78 9.14 19.32 -24.87
CA THR A 78 10.13 18.39 -24.36
C THR A 78 9.68 16.94 -24.37
N PHE A 79 8.44 16.67 -23.99
CA PHE A 79 7.96 15.30 -23.91
C PHE A 79 6.99 14.92 -25.02
N ARG A 80 6.91 15.75 -26.05
CA ARG A 80 6.07 15.53 -27.23
C ARG A 80 4.65 15.12 -26.90
N ILE A 81 3.99 15.98 -26.17
CA ILE A 81 2.62 15.76 -25.78
C ILE A 81 1.80 16.66 -26.65
N SER A 82 0.92 16.07 -27.44
CA SER A 82 0.05 16.85 -28.30
C SER A 82 -0.90 17.66 -27.41
N SER A 83 -1.12 18.93 -27.76
CA SER A 83 -1.98 19.81 -26.99
C SER A 83 -3.38 19.24 -26.80
N ASP A 84 -3.89 18.57 -27.82
CA ASP A 84 -5.20 17.94 -27.76
C ASP A 84 -5.28 16.85 -26.70
N THR A 85 -4.26 15.99 -26.67
CA THR A 85 -4.22 14.89 -25.72
C THR A 85 -4.12 15.43 -24.30
N PHE A 86 -3.32 16.48 -24.12
CA PHE A 86 -3.12 17.05 -22.81
C PHE A 86 -4.43 17.61 -22.26
N ILE A 87 -5.12 18.41 -23.07
CA ILE A 87 -6.38 19.01 -22.67
C ILE A 87 -7.43 17.93 -22.40
N THR A 88 -7.52 16.95 -23.28
CA THR A 88 -8.49 15.87 -23.15
C THR A 88 -8.30 15.12 -21.83
N TYR A 89 -7.05 14.81 -21.48
CA TYR A 89 -6.75 14.13 -20.25
C TYR A 89 -7.09 15.00 -19.03
N MET A 90 -6.63 16.26 -19.03
CA MET A 90 -6.81 17.14 -17.86
C MET A 90 -8.27 17.41 -17.61
N MET A 91 -9.02 17.62 -18.69
CA MET A 91 -10.47 17.82 -18.64
C MET A 91 -11.12 16.61 -17.95
N THR A 92 -10.84 15.40 -18.43
CA THR A 92 -11.33 14.15 -17.81
C THR A 92 -10.86 13.99 -16.34
N LEU A 93 -9.63 14.39 -16.05
CA LEU A 93 -9.11 14.33 -14.70
C LEU A 93 -9.90 15.29 -13.82
N GLU A 94 -10.06 16.51 -14.30
CA GLU A 94 -10.79 17.53 -13.55
C GLU A 94 -12.23 17.07 -13.25
N ASP A 95 -12.87 16.36 -14.20
CA ASP A 95 -14.23 15.82 -14.03
C ASP A 95 -14.34 14.71 -13.01
N HIS A 96 -13.22 14.10 -12.63
CA HIS A 96 -13.18 13.07 -11.60
C HIS A 96 -12.99 13.66 -10.20
N TYR A 97 -12.84 14.97 -10.12
CA TYR A 97 -12.85 15.70 -8.86
C TYR A 97 -14.35 16.06 -8.63
N HIS A 98 -14.90 15.72 -7.47
CA HIS A 98 -16.31 15.95 -7.21
C HIS A 98 -16.58 17.42 -6.92
N SER A 99 -17.47 18.01 -7.70
CA SER A 99 -17.81 19.42 -7.50
C SER A 99 -18.66 19.67 -6.25
N ASP A 100 -19.27 18.63 -5.68
CA ASP A 100 -20.07 18.76 -4.44
C ASP A 100 -19.29 18.54 -3.11
N VAL A 101 -17.99 18.39 -3.21
CA VAL A 101 -17.12 18.24 -2.06
C VAL A 101 -16.52 19.65 -1.86
N ALA A 102 -16.71 20.20 -0.67
CA ALA A 102 -16.34 21.58 -0.39
C ALA A 102 -14.87 21.96 -0.58
N TYR A 103 -13.96 21.13 -0.09
CA TYR A 103 -12.53 21.43 -0.19
C TYR A 103 -11.77 20.61 -1.26
N HIS A 104 -11.97 19.29 -1.26
CA HIS A 104 -11.24 18.39 -2.17
C HIS A 104 -11.86 18.23 -3.57
N ASN A 105 -12.02 19.36 -4.24
CA ASN A 105 -12.54 19.45 -5.58
C ASN A 105 -11.35 19.91 -6.44
N SER A 106 -11.57 20.14 -7.71
CA SER A 106 -10.47 20.47 -8.61
C SER A 106 -9.74 21.78 -8.30
N LEU A 107 -10.37 22.71 -7.60
CA LEU A 107 -9.70 23.95 -7.27
C LEU A 107 -8.48 23.71 -6.35
N HIS A 108 -8.62 22.79 -5.41
CA HIS A 108 -7.54 22.44 -4.52
C HIS A 108 -6.41 21.76 -5.28
N ALA A 109 -6.75 20.87 -6.22
CA ALA A 109 -5.73 20.18 -7.02
C ALA A 109 -5.00 21.17 -7.87
N ALA A 110 -5.72 22.16 -8.39
CA ALA A 110 -5.12 23.21 -9.20
C ALA A 110 -4.19 24.08 -8.35
N ASP A 111 -4.65 24.37 -7.13
CA ASP A 111 -3.89 25.15 -6.16
C ASP A 111 -2.59 24.42 -5.78
N VAL A 112 -2.68 23.14 -5.46
CA VAL A 112 -1.50 22.34 -5.15
C VAL A 112 -0.54 22.22 -6.35
N ALA A 113 -1.07 22.04 -7.56
CA ALA A 113 -0.22 22.00 -8.75
C ALA A 113 0.52 23.34 -9.03
N GLN A 114 -0.18 24.45 -8.92
CA GLN A 114 0.44 25.77 -9.16
C GLN A 114 1.40 26.14 -8.05
N SER A 115 1.12 25.73 -6.82
CA SER A 115 2.00 26.02 -5.67
C SER A 115 3.30 25.20 -5.81
N THR A 116 3.17 23.98 -6.29
CA THR A 116 4.31 23.10 -6.57
C THR A 116 5.13 23.69 -7.71
N HIS A 117 4.46 24.12 -8.78
CA HIS A 117 5.18 24.78 -9.88
C HIS A 117 6.06 25.94 -9.36
N VAL A 118 5.58 26.73 -8.40
CA VAL A 118 6.37 27.85 -7.83
C VAL A 118 7.53 27.33 -6.97
N LEU A 119 7.27 26.32 -6.13
CA LEU A 119 8.33 25.76 -5.29
C LEU A 119 9.47 25.16 -6.09
N LEU A 120 9.17 24.53 -7.22
CA LEU A 120 10.21 23.95 -8.08
C LEU A 120 11.14 25.04 -8.67
N SER A 121 10.67 26.28 -8.70
CA SER A 121 11.44 27.41 -9.25
C SER A 121 12.24 28.18 -8.21
N THR A 122 12.12 27.78 -6.95
CA THR A 122 12.82 28.46 -5.87
C THR A 122 14.34 28.40 -6.17
N PRO A 123 15.04 29.53 -6.01
CA PRO A 123 16.47 29.66 -6.39
C PRO A 123 17.43 28.60 -5.86
N ALA A 124 17.23 28.11 -4.64
CA ALA A 124 18.13 27.09 -4.06
C ALA A 124 18.05 25.71 -4.72
N LEU A 125 17.00 25.43 -5.50
CA LEU A 125 16.87 24.16 -6.21
C LEU A 125 17.02 24.36 -7.72
N ASP A 126 17.72 25.41 -8.14
CA ASP A 126 17.83 25.70 -9.56
C ASP A 126 18.68 24.67 -10.32
N ALA A 127 18.09 24.13 -11.38
CA ALA A 127 18.70 23.13 -12.25
C ALA A 127 19.01 21.80 -11.56
N VAL A 128 18.53 21.62 -10.33
CA VAL A 128 18.78 20.40 -9.59
C VAL A 128 17.98 19.20 -10.11
N PHE A 129 16.78 19.47 -10.62
CA PHE A 129 15.89 18.41 -11.10
C PHE A 129 15.83 18.31 -12.61
N THR A 130 15.75 17.06 -13.10
CA THR A 130 15.55 16.78 -14.52
C THR A 130 14.17 17.25 -14.93
N ASP A 131 13.93 17.31 -16.23
CA ASP A 131 12.65 17.68 -16.77
C ASP A 131 11.64 16.63 -16.38
N LEU A 132 12.07 15.37 -16.37
CA LEU A 132 11.25 14.24 -16.00
C LEU A 132 10.80 14.32 -14.53
N GLU A 133 11.64 14.85 -13.67
CA GLU A 133 11.29 15.01 -12.27
C GLU A 133 10.34 16.17 -12.12
N ILE A 134 10.49 17.21 -12.94
CA ILE A 134 9.60 18.37 -12.88
C ILE A 134 8.19 17.92 -13.33
N LEU A 135 8.14 17.16 -14.41
CA LEU A 135 6.92 16.59 -14.93
C LEU A 135 6.21 15.74 -13.88
N ALA A 136 6.97 14.92 -13.16
CA ALA A 136 6.39 13.99 -12.21
C ALA A 136 5.74 14.71 -11.03
N ALA A 137 6.41 15.74 -10.55
CA ALA A 137 5.93 16.50 -9.40
C ALA A 137 4.67 17.26 -9.71
N ILE A 138 4.59 17.84 -10.89
CA ILE A 138 3.39 18.60 -11.24
C ILE A 138 2.23 17.67 -11.57
N PHE A 139 2.50 16.56 -12.28
CA PHE A 139 1.48 15.57 -12.58
C PHE A 139 0.90 15.00 -11.26
N ALA A 140 1.77 14.68 -10.31
CA ALA A 140 1.39 14.14 -9.02
C ALA A 140 0.47 15.09 -8.32
N ALA A 141 0.85 16.37 -8.27
CA ALA A 141 0.05 17.39 -7.59
C ALA A 141 -1.33 17.42 -8.20
N ALA A 142 -1.39 17.31 -9.52
CA ALA A 142 -2.63 17.40 -10.24
C ALA A 142 -3.60 16.26 -9.93
N ILE A 143 -3.08 15.06 -9.78
CA ILE A 143 -3.90 13.89 -9.53
C ILE A 143 -4.05 13.52 -8.06
N HIS A 144 -3.31 14.20 -7.17
CA HIS A 144 -3.16 13.77 -5.79
C HIS A 144 -4.41 13.57 -4.90
N ASP A 145 -5.56 14.09 -5.31
CA ASP A 145 -6.79 13.93 -4.55
C ASP A 145 -7.98 13.60 -5.47
N VAL A 146 -7.71 13.11 -6.67
CA VAL A 146 -8.75 12.86 -7.67
C VAL A 146 -9.78 11.83 -7.18
N ASP A 147 -11.06 12.16 -7.35
CA ASP A 147 -12.13 11.28 -6.91
C ASP A 147 -12.19 11.16 -5.38
N HIS A 148 -11.91 12.26 -4.69
CA HIS A 148 -11.95 12.31 -3.22
C HIS A 148 -13.44 12.32 -2.86
N PRO A 149 -13.91 11.46 -1.95
CA PRO A 149 -15.33 11.46 -1.58
C PRO A 149 -15.73 12.48 -0.52
N GLY A 150 -14.78 13.24 0.04
CA GLY A 150 -15.09 14.23 1.04
C GLY A 150 -15.06 13.67 2.46
N VAL A 151 -14.54 12.45 2.60
CA VAL A 151 -14.36 11.83 3.91
C VAL A 151 -12.92 11.37 4.08
N SER A 152 -12.52 11.21 5.32
CA SER A 152 -11.15 10.87 5.63
C SER A 152 -10.92 9.36 5.59
N ASN A 153 -9.65 8.97 5.53
CA ASN A 153 -9.24 7.57 5.56
C ASN A 153 -9.85 6.83 6.77
N GLN A 154 -9.81 7.48 7.94
CA GLN A 154 -10.28 6.87 9.19
C GLN A 154 -11.79 6.62 9.16
N PHE A 155 -12.53 7.52 8.53
CA PHE A 155 -13.98 7.34 8.31
C PHE A 155 -14.27 6.12 7.42
N LEU A 156 -13.57 6.05 6.30
CA LEU A 156 -13.69 4.94 5.36
C LEU A 156 -13.36 3.59 5.98
N ILE A 157 -12.38 3.57 6.87
CA ILE A 157 -11.95 2.38 7.60
C ILE A 157 -12.97 1.99 8.69
N ASN A 158 -13.40 2.97 9.49
CA ASN A 158 -14.41 2.73 10.54
C ASN A 158 -15.79 2.30 10.01
N THR A 159 -16.12 2.67 8.77
CA THR A 159 -17.41 2.32 8.14
C THR A 159 -17.32 1.15 7.18
N ASN A 160 -16.17 0.46 7.17
CA ASN A 160 -15.97 -0.73 6.33
C ASN A 160 -16.37 -0.50 4.90
N SER A 161 -16.03 0.67 4.39
CA SER A 161 -16.30 1.03 3.00
C SER A 161 -15.56 0.13 2.02
N GLU A 162 -16.05 0.07 0.79
CA GLU A 162 -15.43 -0.75 -0.24
C GLU A 162 -13.96 -0.38 -0.48
N LEU A 163 -13.65 0.90 -0.42
CA LEU A 163 -12.31 1.39 -0.63
C LEU A 163 -11.34 0.92 0.47
N ALA A 164 -11.76 0.97 1.75
CA ALA A 164 -10.93 0.46 2.83
C ALA A 164 -10.73 -1.06 2.67
N LEU A 165 -11.77 -1.81 2.27
CA LEU A 165 -11.61 -3.24 2.03
C LEU A 165 -10.64 -3.48 0.89
N MET A 166 -10.75 -2.67 -0.14
CA MET A 166 -9.90 -2.76 -1.32
C MET A 166 -8.44 -2.56 -0.97
N TYR A 167 -8.15 -1.51 -0.19
CA TYR A 167 -6.78 -1.13 0.16
C TYR A 167 -6.23 -1.56 1.51
N ASN A 168 -6.96 -2.41 2.21
CA ASN A 168 -6.48 -2.95 3.47
C ASN A 168 -6.12 -1.89 4.50
N ASP A 169 -6.99 -0.88 4.61
CA ASP A 169 -6.85 0.23 5.55
C ASP A 169 -5.53 1.05 5.45
N GLU A 170 -4.68 0.83 4.44
CA GLU A 170 -3.43 1.59 4.35
C GLU A 170 -3.50 2.64 3.25
N SER A 171 -3.32 3.91 3.65
CA SER A 171 -3.32 5.04 2.72
C SER A 171 -4.39 4.78 1.67
N VAL A 172 -5.61 4.56 2.17
CA VAL A 172 -6.74 4.16 1.34
C VAL A 172 -7.00 5.14 0.20
N LEU A 173 -7.15 6.40 0.55
CA LEU A 173 -7.49 7.41 -0.45
C LEU A 173 -6.33 7.72 -1.37
N GLU A 174 -5.14 7.81 -0.80
CA GLU A 174 -3.97 8.13 -1.56
C GLU A 174 -3.72 7.06 -2.65
N ASN A 175 -3.93 5.79 -2.30
CA ASN A 175 -3.79 4.71 -3.26
C ASN A 175 -4.87 4.86 -4.36
N HIS A 176 -6.07 5.25 -3.96
CA HIS A 176 -7.16 5.40 -4.92
C HIS A 176 -6.87 6.47 -5.92
N HIS A 177 -6.47 7.65 -5.47
CA HIS A 177 -6.14 8.79 -6.35
C HIS A 177 -5.13 8.37 -7.42
N LEU A 178 -4.10 7.65 -6.99
CA LEU A 178 -3.09 7.14 -7.90
C LEU A 178 -3.72 6.18 -8.88
N ALA A 179 -4.58 5.28 -8.40
CA ALA A 179 -5.21 4.31 -9.27
C ALA A 179 -6.05 4.98 -10.39
N VAL A 180 -6.82 6.02 -10.03
CA VAL A 180 -7.67 6.72 -10.99
C VAL A 180 -6.83 7.53 -11.98
N GLY A 181 -5.86 8.27 -11.48
CA GLY A 181 -5.00 9.08 -12.34
C GLY A 181 -4.28 8.29 -13.40
N PHE A 182 -3.73 7.12 -13.04
CA PHE A 182 -3.02 6.28 -14.02
C PHE A 182 -4.02 5.57 -14.95
N LYS A 183 -5.18 5.17 -14.42
CA LYS A 183 -6.17 4.52 -15.24
C LYS A 183 -6.70 5.42 -16.34
N LEU A 184 -6.79 6.72 -16.11
CA LEU A 184 -7.26 7.64 -17.15
C LEU A 184 -6.28 7.81 -18.31
N LEU A 185 -5.05 7.28 -18.16
CA LEU A 185 -4.03 7.30 -19.20
C LEU A 185 -4.12 6.07 -20.13
N GLN A 186 -4.93 5.08 -19.78
CA GLN A 186 -4.98 3.84 -20.57
C GLN A 186 -5.47 4.03 -22.01
N GLU A 187 -6.47 4.89 -22.26
CA GLU A 187 -6.95 5.11 -23.64
C GLU A 187 -5.97 6.01 -24.41
N GLU A 188 -5.65 5.67 -25.66
CA GLU A 188 -4.67 6.42 -26.49
C GLU A 188 -4.90 7.94 -26.60
N HIS A 189 -6.16 8.33 -26.78
CA HIS A 189 -6.55 9.74 -26.91
C HIS A 189 -6.35 10.57 -25.62
N CYS A 190 -6.08 9.89 -24.50
CA CYS A 190 -5.81 10.53 -23.21
C CYS A 190 -4.34 10.25 -22.72
N ASP A 191 -3.54 9.49 -23.46
CA ASP A 191 -2.18 9.13 -23.02
C ASP A 191 -1.06 10.20 -23.27
N ILE A 192 -0.92 11.10 -22.31
CA ILE A 192 0.06 12.19 -22.35
C ILE A 192 1.52 11.72 -22.22
N PHE A 193 1.74 10.48 -21.82
CA PHE A 193 3.09 9.95 -21.69
C PHE A 193 3.45 8.93 -22.79
N MET A 194 2.69 8.94 -23.88
CA MET A 194 2.90 8.02 -25.00
C MET A 194 4.25 8.17 -25.69
N ASN A 195 4.83 9.36 -25.67
CA ASN A 195 6.13 9.61 -26.31
C ASN A 195 7.33 9.54 -25.38
N LEU A 196 7.11 9.28 -24.10
CA LEU A 196 8.21 8.98 -23.19
C LEU A 196 8.73 7.58 -23.59
N THR A 197 9.99 7.29 -23.28
CA THR A 197 10.51 5.95 -23.52
C THR A 197 9.96 5.04 -22.43
N LYS A 198 10.07 3.73 -22.62
CA LYS A 198 9.60 2.78 -21.64
C LYS A 198 10.22 3.13 -20.27
N LYS A 199 11.52 3.41 -20.29
CA LYS A 199 12.29 3.77 -19.11
C LYS A 199 11.76 5.01 -18.38
N GLN A 200 11.50 6.06 -19.14
CA GLN A 200 10.99 7.30 -18.56
C GLN A 200 9.63 7.08 -17.87
N ARG A 201 8.72 6.38 -18.54
CA ARG A 201 7.42 6.04 -17.98
C ARG A 201 7.54 5.30 -16.66
N GLN A 202 8.47 4.36 -16.57
CA GLN A 202 8.65 3.58 -15.35
C GLN A 202 9.26 4.40 -14.17
N THR A 203 10.14 5.34 -14.47
CA THR A 203 10.76 6.19 -13.45
C THR A 203 9.72 7.24 -13.00
N LEU A 204 9.02 7.84 -13.97
CA LEU A 204 7.98 8.79 -13.65
C LEU A 204 6.88 8.15 -12.77
N ARG A 205 6.50 6.92 -13.08
CA ARG A 205 5.46 6.20 -12.34
C ARG A 205 5.93 6.00 -10.87
N LYS A 206 7.17 5.54 -10.70
CA LYS A 206 7.73 5.35 -9.37
C LYS A 206 7.71 6.65 -8.59
N MET A 207 8.11 7.74 -9.21
CA MET A 207 8.16 9.02 -8.51
C MET A 207 6.80 9.54 -8.11
N VAL A 208 5.82 9.36 -8.99
CA VAL A 208 4.46 9.84 -8.75
C VAL A 208 3.80 9.05 -7.63
N ILE A 209 3.94 7.74 -7.63
CA ILE A 209 3.37 6.90 -6.57
C ILE A 209 3.93 7.35 -5.22
N ASP A 210 5.25 7.43 -5.16
CA ASP A 210 5.99 7.88 -4.01
C ASP A 210 5.46 9.22 -3.46
N MET A 211 5.41 10.23 -4.32
CA MET A 211 4.95 11.55 -3.92
C MET A 211 3.50 11.61 -3.43
N VAL A 212 2.58 10.90 -4.12
CA VAL A 212 1.16 10.93 -3.75
C VAL A 212 0.90 10.16 -2.45
N LEU A 213 1.54 9.01 -2.30
CA LEU A 213 1.41 8.26 -1.06
C LEU A 213 1.95 9.06 0.13
N ALA A 214 2.87 10.00 -0.13
CA ALA A 214 3.46 10.82 0.92
C ALA A 214 2.54 11.99 1.36
N THR A 215 1.42 12.19 0.66
CA THR A 215 0.43 13.20 1.08
C THR A 215 -0.48 12.65 2.18
N ASP A 216 -0.30 11.38 2.56
CA ASP A 216 -1.06 10.77 3.65
C ASP A 216 -0.54 11.39 4.95
N MET A 217 -1.41 12.12 5.65
CA MET A 217 -1.02 12.83 6.84
C MET A 217 -0.44 11.93 7.90
N SER A 218 -0.77 10.65 7.90
CA SER A 218 -0.17 9.71 8.86
C SER A 218 1.35 9.51 8.64
N LYS A 219 1.88 9.93 7.49
CA LYS A 219 3.31 9.88 7.21
C LYS A 219 4.00 11.23 7.50
N HIS A 220 3.23 12.23 7.92
CA HIS A 220 3.73 13.62 8.13
C HIS A 220 4.91 13.75 9.09
N MET A 221 4.82 13.13 10.26
CA MET A 221 5.90 13.18 11.24
C MET A 221 7.17 12.49 10.71
N SER A 222 6.98 11.37 10.04
CA SER A 222 8.10 10.61 9.47
C SER A 222 8.82 11.42 8.40
N LEU A 223 8.04 12.23 7.66
CA LEU A 223 8.55 13.05 6.56
C LEU A 223 9.31 14.28 7.09
N LEU A 224 8.74 14.92 8.11
CA LEU A 224 9.32 16.10 8.71
C LEU A 224 10.67 15.77 9.33
N ALA A 225 10.77 14.61 9.96
CA ALA A 225 11.99 14.19 10.64
C ALA A 225 13.12 13.98 9.64
N ASP A 226 12.81 13.28 8.54
CA ASP A 226 13.78 13.03 7.48
C ASP A 226 14.22 14.33 6.80
N LEU A 227 13.32 15.29 6.72
CA LEU A 227 13.63 16.59 6.11
C LEU A 227 14.53 17.43 7.03
N LYS A 228 14.38 17.25 8.34
CA LYS A 228 15.20 17.96 9.32
C LYS A 228 16.66 17.46 9.20
N THR A 229 16.83 16.17 8.91
CA THR A 229 18.13 15.53 8.70
C THR A 229 18.80 16.12 7.47
N MET A 230 18.03 16.17 6.39
CA MET A 230 18.47 16.73 5.12
C MET A 230 18.99 18.16 5.28
N VAL A 231 18.30 18.94 6.12
CA VAL A 231 18.67 20.33 6.41
C VAL A 231 20.00 20.37 7.17
N GLU A 232 20.16 19.47 8.14
CA GLU A 232 21.37 19.38 8.96
C GLU A 232 22.63 19.04 8.17
N THR A 233 22.49 18.23 7.11
CA THR A 233 23.61 17.80 6.29
C THR A 233 23.58 18.43 4.90
N LYS A 234 22.78 19.49 4.78
CA LYS A 234 22.64 20.18 3.51
C LYS A 234 23.98 20.77 3.09
N LYS A 235 24.33 20.55 1.82
CA LYS A 235 25.55 21.05 1.24
C LYS A 235 25.16 21.91 0.06
N VAL A 236 25.34 23.23 0.15
CA VAL A 236 25.02 24.13 -0.97
C VAL A 236 26.33 24.58 -1.65
N THR A 237 26.45 24.34 -2.95
CA THR A 237 27.65 24.64 -3.73
C THR A 237 27.91 26.13 -3.92
N SER A 238 29.03 26.45 -4.60
CA SER A 238 29.44 27.84 -4.85
C SER A 238 28.39 28.66 -5.61
N SER A 239 27.58 27.99 -6.43
CA SER A 239 26.50 28.63 -7.19
C SER A 239 25.30 29.09 -6.33
N GLY A 240 25.24 28.69 -5.06
CA GLY A 240 24.14 29.03 -4.18
C GLY A 240 22.96 28.08 -4.39
N VAL A 241 23.26 26.88 -4.87
CA VAL A 241 22.27 25.86 -5.13
C VAL A 241 22.59 24.59 -4.34
N LEU A 242 21.53 23.93 -3.84
CA LEU A 242 21.66 22.69 -3.10
C LEU A 242 22.25 21.57 -3.95
N LEU A 243 23.04 20.73 -3.29
CA LEU A 243 23.67 19.60 -3.92
C LEU A 243 22.93 18.34 -3.49
N LEU A 244 22.29 17.69 -4.47
CA LEU A 244 21.56 16.46 -4.25
C LEU A 244 22.15 15.40 -5.18
N ASP A 245 23.01 14.56 -4.63
CA ASP A 245 23.73 13.55 -5.39
C ASP A 245 22.86 12.45 -5.98
N ASN A 246 22.20 11.70 -5.10
CA ASN A 246 21.42 10.53 -5.47
C ASN A 246 19.93 10.79 -5.67
N TYR A 247 19.28 9.79 -6.27
CA TYR A 247 17.86 9.83 -6.49
C TYR A 247 17.14 9.90 -5.13
N THR A 248 17.72 9.26 -4.13
CA THR A 248 17.07 9.24 -2.81
C THR A 248 16.93 10.65 -2.26
N ASP A 249 17.94 11.46 -2.49
CA ASP A 249 17.93 12.84 -2.01
C ASP A 249 16.91 13.69 -2.75
N ARG A 250 16.84 13.53 -4.06
CA ARG A 250 15.95 14.31 -4.89
C ARG A 250 14.48 14.00 -4.64
N ILE A 251 14.13 12.72 -4.63
CA ILE A 251 12.75 12.33 -4.37
C ILE A 251 12.36 12.72 -2.94
N GLN A 252 13.34 12.84 -2.04
CA GLN A 252 13.05 13.24 -0.67
C GLN A 252 12.60 14.69 -0.60
N VAL A 253 13.25 15.54 -1.40
CA VAL A 253 12.86 16.96 -1.50
C VAL A 253 11.52 17.10 -2.22
N LEU A 254 11.33 16.34 -3.30
CA LEU A 254 10.08 16.35 -4.07
C LEU A 254 8.84 15.90 -3.26
N ARG A 255 8.98 14.87 -2.42
CA ARG A 255 7.88 14.39 -1.57
C ARG A 255 7.53 15.52 -0.62
N ASN A 256 8.55 16.13 -0.04
CA ASN A 256 8.29 17.20 0.93
C ASN A 256 7.70 18.42 0.26
N MET A 257 8.10 18.66 -0.99
CA MET A 257 7.61 19.80 -1.75
C MET A 257 6.10 19.72 -1.96
N VAL A 258 5.65 18.60 -2.50
CA VAL A 258 4.22 18.37 -2.73
C VAL A 258 3.47 18.39 -1.40
N HIS A 259 4.11 17.93 -0.34
CA HIS A 259 3.50 17.87 0.98
C HIS A 259 3.35 19.29 1.51
N CYS A 260 4.36 20.12 1.32
CA CYS A 260 4.27 21.52 1.75
C CYS A 260 3.18 22.24 0.95
N ALA A 261 3.14 22.00 -0.34
CA ALA A 261 2.14 22.58 -1.22
C ALA A 261 0.72 22.20 -0.77
N ASP A 262 0.55 20.94 -0.37
CA ASP A 262 -0.70 20.43 0.16
C ASP A 262 -1.06 21.16 1.49
N LEU A 263 -0.05 21.57 2.22
CA LEU A 263 -0.24 22.28 3.48
C LEU A 263 0.16 23.76 3.38
N SER A 264 -0.16 24.40 2.26
CA SER A 264 0.24 25.77 2.01
C SER A 264 -0.85 26.83 2.17
N ASN A 265 -2.09 26.42 2.44
CA ASN A 265 -3.20 27.36 2.56
C ASN A 265 -2.91 28.48 3.57
N PRO A 266 -2.38 28.18 4.75
CA PRO A 266 -2.10 29.24 5.75
C PRO A 266 -0.86 30.09 5.45
N THR A 267 -0.12 29.77 4.40
CA THR A 267 1.04 30.57 3.99
C THR A 267 0.65 31.58 2.91
N LYS A 268 -0.57 31.45 2.37
CA LYS A 268 -1.07 32.36 1.35
C LYS A 268 -1.61 33.62 2.01
N SER A 269 -1.95 34.62 1.21
CA SER A 269 -2.48 35.87 1.74
C SER A 269 -3.73 35.51 2.55
N LEU A 270 -4.07 36.33 3.53
CA LEU A 270 -5.19 36.09 4.43
C LEU A 270 -6.53 35.93 3.72
N GLU A 271 -6.73 36.73 2.66
CA GLU A 271 -7.95 36.63 1.83
C GLU A 271 -8.11 35.20 1.25
N LEU A 272 -7.02 34.60 0.79
CA LEU A 272 -7.10 33.26 0.23
C LEU A 272 -7.20 32.21 1.32
N TYR A 273 -6.43 32.36 2.38
CA TYR A 273 -6.41 31.40 3.49
C TYR A 273 -7.80 31.24 4.11
N ARG A 274 -8.50 32.34 4.34
CA ARG A 274 -9.83 32.27 4.95
C ARG A 274 -10.84 31.56 4.09
N GLN A 275 -10.75 31.71 2.77
CA GLN A 275 -11.66 30.98 1.90
C GLN A 275 -11.35 29.46 1.93
N TRP A 276 -10.07 29.11 2.10
CA TRP A 276 -9.70 27.70 2.16
C TRP A 276 -10.22 27.08 3.45
N THR A 277 -10.14 27.85 4.53
CA THR A 277 -10.60 27.45 5.85
C THR A 277 -12.10 27.27 5.84
N ASP A 278 -12.81 28.19 5.23
CA ASP A 278 -14.24 28.01 5.04
C ASP A 278 -14.55 26.69 4.32
N ARG A 279 -13.73 26.33 3.33
CA ARG A 279 -14.00 25.13 2.55
C ARG A 279 -13.71 23.85 3.30
N ILE A 280 -12.59 23.81 4.00
CA ILE A 280 -12.19 22.64 4.76
C ILE A 280 -13.14 22.33 5.93
N MET A 281 -13.61 23.37 6.61
CA MET A 281 -14.50 23.21 7.75
C MET A 281 -15.89 22.79 7.28
N GLU A 282 -16.30 23.29 6.13
CA GLU A 282 -17.56 22.85 5.57
C GLU A 282 -17.46 21.34 5.29
N GLU A 283 -16.30 20.86 4.81
CA GLU A 283 -16.13 19.43 4.51
C GLU A 283 -16.03 18.61 5.79
N PHE A 284 -15.23 19.08 6.73
CA PHE A 284 -15.02 18.40 8.01
C PHE A 284 -16.33 18.29 8.81
N PHE A 285 -17.13 19.36 8.85
CA PHE A 285 -18.42 19.38 9.53
C PHE A 285 -19.42 18.45 8.85
N GLN A 286 -19.36 18.36 7.53
CA GLN A 286 -20.23 17.46 6.79
C GLN A 286 -19.92 16.02 7.19
N GLN A 287 -18.64 15.71 7.42
CA GLN A 287 -18.24 14.39 7.91
C GLN A 287 -18.72 14.20 9.38
N GLY A 288 -18.72 15.27 10.16
CA GLY A 288 -19.20 15.22 11.53
C GLY A 288 -20.66 14.78 11.52
N ASP A 289 -21.45 15.44 10.69
CA ASP A 289 -22.87 15.11 10.54
C ASP A 289 -23.04 13.63 10.16
N LYS A 290 -22.24 13.13 9.23
CA LYS A 290 -22.37 11.74 8.78
C LYS A 290 -22.02 10.80 9.91
N GLU A 291 -21.00 11.16 10.69
CA GLU A 291 -20.59 10.34 11.82
C GLU A 291 -21.70 10.32 12.86
N ARG A 292 -22.38 11.45 13.06
CA ARG A 292 -23.48 11.57 14.02
C ARG A 292 -24.70 10.74 13.61
N GLU A 293 -25.09 10.78 12.34
CA GLU A 293 -26.21 9.98 11.81
C GLU A 293 -25.96 8.49 12.02
N ARG A 294 -24.70 8.07 11.86
CA ARG A 294 -24.33 6.66 12.00
C ARG A 294 -24.04 6.22 13.45
N GLY A 295 -24.14 7.12 14.42
CA GLY A 295 -23.87 6.80 15.81
C GLY A 295 -22.39 6.55 16.15
N MET A 296 -21.48 7.07 15.31
CA MET A 296 -20.05 6.93 15.53
C MET A 296 -19.55 8.09 16.40
N GLU A 297 -18.37 7.94 16.97
CA GLU A 297 -17.78 9.01 17.79
C GLU A 297 -17.31 10.14 16.89
N ILE A 298 -17.76 11.37 17.19
CA ILE A 298 -17.38 12.52 16.38
C ILE A 298 -15.97 12.99 16.69
N SER A 299 -15.15 13.11 15.66
CA SER A 299 -13.81 13.70 15.81
C SER A 299 -14.06 15.14 16.34
N PRO A 300 -13.39 15.57 17.43
CA PRO A 300 -13.69 16.90 18.04
C PRO A 300 -13.57 18.14 17.15
N MET A 301 -12.67 18.13 16.16
CA MET A 301 -12.48 19.30 15.29
C MET A 301 -13.56 19.42 14.19
N CME A 302 -14.15 18.33 13.70
CA CME A 302 -15.31 17.94 12.91
CB CME A 302 -15.15 16.46 12.52
SG CME A 302 -13.87 16.17 11.30
SD CME A 302 -12.10 16.74 11.90
CE CME A 302 -10.84 16.21 10.75
CZ CME A 302 -11.37 15.29 9.66
OH CME A 302 -10.86 14.20 9.50
C CME A 302 -16.75 18.15 13.42
O CME A 302 -17.71 17.77 12.75
N ASP A 303 -16.88 18.58 14.70
CA ASP A 303 -18.19 18.74 15.37
C ASP A 303 -18.65 20.19 15.28
N LYS A 304 -19.61 20.46 14.39
CA LYS A 304 -20.08 21.82 14.16
C LYS A 304 -20.72 22.52 15.37
N HIS A 305 -21.24 21.76 16.32
CA HIS A 305 -21.90 22.32 17.52
C HIS A 305 -20.95 22.82 18.61
N THR A 306 -19.70 22.33 18.63
CA THR A 306 -18.71 22.68 19.66
C THR A 306 -17.37 23.26 19.19
N ALA A 307 -16.90 22.86 18.02
CA ALA A 307 -15.57 23.25 17.56
C ALA A 307 -15.41 24.72 17.16
N SER A 308 -14.33 25.30 17.66
CA SER A 308 -13.98 26.66 17.34
C SER A 308 -13.06 26.57 16.15
N VAL A 309 -13.52 27.11 15.02
CA VAL A 309 -12.76 27.15 13.78
C VAL A 309 -11.45 27.89 13.99
N GLU A 310 -11.50 28.92 14.83
CA GLU A 310 -10.35 29.81 15.02
C GLU A 310 -9.25 29.16 15.85
N LYS A 311 -9.62 28.49 16.94
CA LYS A 311 -8.67 27.76 17.78
C LYS A 311 -8.02 26.64 16.99
N SER A 312 -8.81 25.95 16.17
CA SER A 312 -8.28 24.83 15.36
C SER A 312 -7.28 25.29 14.28
N GLN A 313 -7.50 26.45 13.68
CA GLN A 313 -6.53 26.97 12.71
C GLN A 313 -5.23 27.37 13.41
N VAL A 314 -5.32 27.91 14.62
CA VAL A 314 -4.12 28.28 15.36
C VAL A 314 -3.33 27.01 15.73
N GLY A 315 -4.05 25.97 16.17
CA GLY A 315 -3.44 24.70 16.49
C GLY A 315 -2.84 24.05 15.24
N PHE A 316 -3.52 24.18 14.12
CA PHE A 316 -3.05 23.64 12.85
C PHE A 316 -1.69 24.26 12.46
N ILE A 317 -1.55 25.57 12.58
CA ILE A 317 -0.30 26.24 12.21
C ILE A 317 0.84 25.92 13.17
N ASP A 318 0.60 26.07 14.48
CA ASP A 318 1.63 25.84 15.49
C ASP A 318 2.21 24.42 15.51
N TYR A 319 1.35 23.43 15.28
CA TYR A 319 1.75 22.02 15.43
C TYR A 319 1.95 21.24 14.14
N ILE A 320 1.56 21.79 13.00
CA ILE A 320 1.73 21.08 11.74
C ILE A 320 2.34 21.90 10.63
N VAL A 321 1.69 23.02 10.30
CA VAL A 321 2.13 23.86 9.19
C VAL A 321 3.44 24.67 9.47
N HIS A 322 3.53 25.33 10.61
CA HIS A 322 4.73 26.09 10.94
C HIS A 322 5.96 25.17 11.07
N PRO A 323 5.90 24.11 11.86
CA PRO A 323 7.04 23.19 11.98
C PRO A 323 7.58 22.69 10.65
N LEU A 324 6.70 22.36 9.71
CA LEU A 324 7.11 21.88 8.39
C LEU A 324 7.73 22.99 7.55
N TRP A 325 7.00 24.09 7.42
CA TRP A 325 7.42 25.22 6.60
C TRP A 325 8.66 25.97 7.11
N GLU A 326 8.93 25.94 8.41
CA GLU A 326 10.15 26.56 8.93
C GLU A 326 11.32 25.66 8.54
N THR A 327 11.12 24.34 8.60
CA THR A 327 12.13 23.39 8.18
C THR A 327 12.41 23.53 6.68
N TRP A 328 11.35 23.70 5.89
CA TRP A 328 11.49 23.86 4.45
C TRP A 328 12.27 25.14 4.15
N ALA A 329 11.93 26.20 4.87
CA ALA A 329 12.58 27.51 4.75
C ALA A 329 14.06 27.45 5.05
N ASP A 330 14.45 26.55 5.94
CA ASP A 330 15.85 26.37 6.34
C ASP A 330 16.66 25.77 5.20
N LEU A 331 16.05 24.78 4.55
CA LEU A 331 16.66 24.07 3.44
C LEU A 331 16.84 24.94 2.19
N VAL A 332 16.00 25.96 2.05
CA VAL A 332 16.05 26.84 0.88
C VAL A 332 16.37 28.29 1.28
N GLN A 333 16.81 28.48 2.51
CA GLN A 333 17.22 29.78 3.05
C GLN A 333 17.92 30.57 1.94
N PRO A 334 17.48 31.82 1.64
CA PRO A 334 16.38 32.54 2.31
C PRO A 334 15.08 32.69 1.49
N ASP A 335 14.93 31.91 0.42
CA ASP A 335 13.81 32.03 -0.54
C ASP A 335 12.42 32.02 0.06
N ALA A 336 12.25 31.33 1.17
CA ALA A 336 10.94 31.16 1.81
C ALA A 336 10.61 32.08 3.00
N GLN A 337 11.41 33.11 3.25
CA GLN A 337 11.15 33.98 4.40
C GLN A 337 9.79 34.70 4.34
N ASP A 338 9.42 35.20 3.16
CA ASP A 338 8.11 35.85 2.99
C ASP A 338 6.99 34.90 3.42
N ILE A 339 7.11 33.64 3.03
CA ILE A 339 6.11 32.62 3.35
C ILE A 339 5.97 32.48 4.85
N LEU A 340 7.11 32.43 5.54
CA LEU A 340 7.13 32.30 6.99
C LEU A 340 6.48 33.50 7.70
N ASP A 341 6.71 34.70 7.17
CA ASP A 341 6.16 35.94 7.76
C ASP A 341 4.64 36.01 7.57
N THR A 342 4.18 35.56 6.41
CA THR A 342 2.75 35.55 6.11
C THR A 342 2.07 34.54 7.03
N LEU A 343 2.78 33.46 7.33
CA LEU A 343 2.26 32.39 8.17
C LEU A 343 2.06 32.84 9.62
N GLU A 344 3.05 33.56 10.16
CA GLU A 344 2.99 34.07 11.53
C GLU A 344 1.91 35.16 11.66
N ASP A 345 1.79 36.01 10.64
CA ASP A 345 0.76 37.04 10.58
C ASP A 345 -0.66 36.47 10.54
N ASN A 346 -0.88 35.45 9.71
CA ASN A 346 -2.18 34.81 9.57
C ASN A 346 -2.56 34.09 10.86
N ARG A 347 -1.55 33.51 11.51
CA ARG A 347 -1.74 32.81 12.77
C ARG A 347 -2.22 33.79 13.83
N ASN A 348 -1.61 34.97 13.86
CA ASN A 348 -1.93 35.99 14.83
C ASN A 348 -3.30 36.57 14.55
N TRP A 349 -3.69 36.55 13.29
CA TRP A 349 -5.01 37.04 12.94
C TRP A 349 -6.07 36.10 13.51
N TYR A 350 -5.89 34.80 13.31
CA TYR A 350 -6.86 33.82 13.83
C TYR A 350 -6.90 33.83 15.37
N GLN A 351 -5.74 33.98 16.00
CA GLN A 351 -5.63 34.05 17.46
C GLN A 351 -6.41 35.28 17.99
N SER A 352 -6.38 36.38 17.25
CA SER A 352 -7.11 37.60 17.59
C SER A 352 -8.64 37.48 17.36
N MET A 353 -9.08 36.44 16.65
CA MET A 353 -10.52 36.17 16.46
C MET A 353 -11.08 35.27 17.59
N ILE A 354 -10.20 34.78 18.47
CA ILE A 354 -10.60 34.00 19.68
C ILE A 354 -10.79 34.93 20.92
N PRO A 355 -12.02 35.02 21.44
CA PRO A 355 -12.30 35.84 22.64
C PRO A 355 -11.43 35.57 23.90
N GLU B 33 -14.86 -40.08 4.58
CA GLU B 33 -14.98 -41.57 4.67
C GLU B 33 -13.88 -42.17 5.56
N ASP B 34 -13.60 -43.46 5.38
CA ASP B 34 -12.61 -44.18 6.17
C ASP B 34 -11.17 -43.73 5.93
N HIS B 35 -10.79 -43.54 4.66
CA HIS B 35 -9.42 -43.12 4.33
C HIS B 35 -9.09 -41.70 4.79
N LEU B 36 -10.09 -40.81 4.72
CA LEU B 36 -9.91 -39.44 5.16
C LEU B 36 -9.67 -39.39 6.67
N ALA B 37 -10.59 -39.95 7.45
CA ALA B 37 -10.44 -39.95 8.91
C ALA B 37 -9.09 -40.55 9.32
N LYS B 38 -8.59 -41.51 8.55
CA LYS B 38 -7.29 -42.13 8.83
C LYS B 38 -6.14 -41.13 8.62
N GLU B 39 -6.19 -40.39 7.50
CA GLU B 39 -5.18 -39.38 7.21
C GLU B 39 -5.24 -38.23 8.21
N LEU B 40 -6.45 -37.85 8.63
CA LEU B 40 -6.63 -36.75 9.59
C LEU B 40 -6.15 -37.06 11.01
N GLU B 41 -5.66 -38.28 11.24
CA GLU B 41 -5.05 -38.61 12.53
C GLU B 41 -3.71 -37.85 12.66
N ASP B 42 -3.12 -37.48 11.53
CA ASP B 42 -1.87 -36.69 11.46
C ASP B 42 -2.11 -35.17 11.33
N LEU B 43 -3.30 -34.69 11.69
CA LEU B 43 -3.64 -33.27 11.56
C LEU B 43 -2.67 -32.34 12.32
N ASN B 44 -2.23 -32.82 13.48
CA ASN B 44 -1.31 -32.08 14.35
C ASN B 44 0.14 -32.32 14.02
N LYS B 45 0.41 -33.00 12.94
CA LYS B 45 1.77 -33.39 12.56
C LYS B 45 2.24 -32.82 11.24
N TRP B 46 3.56 -32.69 11.12
CA TRP B 46 4.19 -32.15 9.93
C TRP B 46 4.05 -33.14 8.77
N GLY B 47 3.98 -34.42 9.11
CA GLY B 47 3.88 -35.52 8.14
C GLY B 47 2.51 -35.73 7.51
N LEU B 48 1.52 -34.89 7.84
CA LEU B 48 0.22 -35.01 7.21
C LEU B 48 0.38 -34.89 5.72
N ASN B 49 -0.43 -35.65 4.99
CA ASN B 49 -0.45 -35.63 3.53
C ASN B 49 -1.70 -34.90 3.02
N ILE B 50 -1.54 -33.66 2.59
CA ILE B 50 -2.68 -32.88 2.11
C ILE B 50 -3.16 -33.31 0.73
N PHE B 51 -2.32 -33.99 -0.06
CA PHE B 51 -2.79 -34.49 -1.36
C PHE B 51 -3.80 -35.61 -1.13
N ASN B 52 -3.58 -36.39 -0.07
CA ASN B 52 -4.47 -37.49 0.27
C ASN B 52 -5.81 -36.96 0.80
N VAL B 53 -5.80 -35.90 1.62
CA VAL B 53 -7.07 -35.36 2.08
C VAL B 53 -7.84 -34.73 0.92
N ALA B 54 -7.15 -34.09 -0.02
CA ALA B 54 -7.79 -33.53 -1.22
C ALA B 54 -8.58 -34.61 -1.96
N GLY B 55 -7.94 -35.76 -2.19
CA GLY B 55 -8.57 -36.90 -2.89
C GLY B 55 -9.76 -37.50 -2.18
N TYR B 56 -9.69 -37.61 -0.87
CA TYR B 56 -10.79 -38.18 -0.06
C TYR B 56 -11.83 -37.14 0.39
N SER B 57 -11.93 -36.03 -0.33
CA SER B 57 -12.87 -34.98 0.02
C SER B 57 -13.43 -34.22 -1.19
N HIS B 58 -13.61 -34.90 -2.33
CA HIS B 58 -14.14 -34.23 -3.53
C HIS B 58 -13.38 -32.96 -3.83
N ASN B 59 -12.05 -33.01 -3.75
CA ASN B 59 -11.24 -31.84 -3.98
C ASN B 59 -11.70 -30.65 -3.14
N ARG B 60 -11.87 -30.86 -1.84
CA ARG B 60 -12.23 -29.79 -0.91
C ARG B 60 -11.16 -29.66 0.18
N PRO B 61 -9.89 -29.62 -0.20
CA PRO B 61 -8.81 -29.65 0.78
C PRO B 61 -8.90 -28.50 1.76
N LEU B 62 -9.13 -27.32 1.25
CA LEU B 62 -9.16 -26.15 2.12
C LEU B 62 -10.32 -26.20 3.10
N THR B 63 -11.52 -26.54 2.61
CA THR B 63 -12.68 -26.56 3.45
C THR B 63 -12.57 -27.61 4.56
N CME B 64 -12.29 -28.86 4.28
CA CME B 64 -11.94 -30.04 4.97
CB CME B 64 -11.51 -31.21 4.10
SG CME B 64 -11.38 -32.58 5.22
SD CME B 64 -13.23 -33.03 6.10
CE CME B 64 -13.54 -32.26 7.65
CZ CME B 64 -13.30 -33.22 8.79
OH CME B 64 -13.07 -32.77 9.91
C CME B 64 -10.95 -29.76 6.09
O CME B 64 -11.33 -29.75 7.29
N ILE B 65 -9.71 -29.36 5.71
CA ILE B 65 -8.65 -29.12 6.70
C ILE B 65 -8.94 -27.95 7.65
N MET B 66 -9.62 -26.92 7.14
CA MET B 66 -9.95 -25.78 7.97
C MET B 66 -11.02 -26.17 9.02
N TYR B 67 -11.97 -26.99 8.61
CA TYR B 67 -12.99 -27.49 9.53
C TYR B 67 -12.29 -28.39 10.58
N ALA B 68 -11.39 -29.27 10.15
CA ALA B 68 -10.73 -30.16 11.09
C ALA B 68 -9.86 -29.37 12.08
N ILE B 69 -9.18 -28.33 11.60
CA ILE B 69 -8.34 -27.49 12.45
C ILE B 69 -9.22 -26.74 13.46
N PHE B 70 -10.30 -26.14 12.99
CA PHE B 70 -11.17 -25.36 13.87
C PHE B 70 -11.86 -26.19 14.97
N GLN B 71 -12.10 -27.47 14.72
CA GLN B 71 -12.70 -28.36 15.72
C GLN B 71 -11.66 -28.77 16.73
N GLU B 72 -10.51 -29.21 16.21
CA GLU B 72 -9.39 -29.64 17.02
C GLU B 72 -9.02 -28.57 18.06
N ARG B 73 -9.01 -27.30 17.65
CA ARG B 73 -8.64 -26.18 18.55
C ARG B 73 -9.81 -25.56 19.28
N ASP B 74 -11.02 -26.03 18.96
CA ASP B 74 -12.25 -25.52 19.57
C ASP B 74 -12.55 -24.06 19.29
N LEU B 75 -12.13 -23.58 18.13
CA LEU B 75 -12.33 -22.18 17.75
C LEU B 75 -13.78 -21.79 17.44
N LEU B 76 -14.58 -22.71 16.91
CA LEU B 76 -16.00 -22.41 16.63
C LEU B 76 -16.75 -22.12 17.94
N LYS B 77 -16.50 -22.94 18.95
CA LYS B 77 -17.11 -22.71 20.25
C LYS B 77 -16.55 -21.42 20.84
N THR B 78 -15.23 -21.24 20.78
CA THR B 78 -14.60 -20.05 21.35
C THR B 78 -15.07 -18.69 20.81
N PHE B 79 -15.27 -18.59 19.49
CA PHE B 79 -15.70 -17.32 18.89
C PHE B 79 -17.16 -17.37 18.42
N ARG B 80 -17.89 -18.38 18.92
CA ARG B 80 -19.31 -18.61 18.59
C ARG B 80 -19.50 -18.53 17.07
N ILE B 81 -18.72 -19.31 16.36
CA ILE B 81 -18.84 -19.36 14.92
C ILE B 81 -19.80 -20.48 14.62
N SER B 82 -20.87 -20.11 13.91
CA SER B 82 -21.84 -21.06 13.41
C SER B 82 -21.09 -22.03 12.48
N SER B 83 -21.38 -23.32 12.62
CA SER B 83 -20.74 -24.35 11.79
C SER B 83 -21.13 -24.24 10.33
N ASP B 84 -22.37 -23.89 10.07
CA ASP B 84 -22.86 -23.75 8.70
C ASP B 84 -22.25 -22.53 8.03
N THR B 85 -22.25 -21.42 8.75
CA THR B 85 -21.66 -20.19 8.27
C THR B 85 -20.19 -20.45 7.93
N PHE B 86 -19.49 -21.19 8.78
CA PHE B 86 -18.07 -21.47 8.57
C PHE B 86 -17.80 -22.31 7.32
N ILE B 87 -18.65 -23.32 7.07
CA ILE B 87 -18.48 -24.22 5.93
C ILE B 87 -18.79 -23.45 4.66
N THR B 88 -19.80 -22.60 4.72
CA THR B 88 -20.23 -21.84 3.56
C THR B 88 -19.17 -20.80 3.13
N TYR B 89 -18.50 -20.18 4.10
CA TYR B 89 -17.47 -19.19 3.80
C TYR B 89 -16.27 -19.86 3.18
N MET B 90 -15.90 -21.01 3.76
CA MET B 90 -14.72 -21.77 3.32
C MET B 90 -14.90 -22.37 1.95
N MET B 91 -16.11 -22.80 1.66
CA MET B 91 -16.41 -23.38 0.36
C MET B 91 -16.38 -22.32 -0.72
N THR B 92 -16.81 -21.10 -0.37
CA THR B 92 -16.75 -19.98 -1.29
C THR B 92 -15.31 -19.51 -1.46
N LEU B 93 -14.56 -19.48 -0.37
CA LEU B 93 -13.18 -19.05 -0.39
C LEU B 93 -12.39 -20.01 -1.26
N GLU B 94 -12.61 -21.30 -1.04
CA GLU B 94 -11.95 -22.36 -1.81
C GLU B 94 -12.29 -22.27 -3.29
N ASP B 95 -13.53 -21.93 -3.60
CA ASP B 95 -13.95 -21.82 -4.99
C ASP B 95 -13.36 -20.60 -5.70
N HIS B 96 -12.83 -19.66 -4.91
CA HIS B 96 -12.17 -18.44 -5.41
C HIS B 96 -10.68 -18.65 -5.68
N TYR B 97 -10.14 -19.83 -5.35
CA TYR B 97 -8.81 -20.22 -5.80
C TYR B 97 -9.06 -20.90 -7.14
N HIS B 98 -8.21 -20.67 -8.13
CA HIS B 98 -8.34 -21.23 -9.48
C HIS B 98 -7.75 -22.63 -9.60
N SER B 99 -8.57 -23.60 -9.98
CA SER B 99 -8.13 -25.01 -10.09
C SER B 99 -7.21 -25.29 -11.30
N ASP B 100 -7.25 -24.45 -12.33
CA ASP B 100 -6.37 -24.58 -13.49
C ASP B 100 -5.00 -23.88 -13.31
N VAL B 101 -4.70 -23.51 -12.08
CA VAL B 101 -3.41 -22.94 -11.74
C VAL B 101 -2.69 -24.09 -11.02
N ALA B 102 -1.51 -24.44 -11.51
CA ALA B 102 -0.81 -25.63 -11.04
C ALA B 102 -0.36 -25.65 -9.58
N TYR B 103 0.09 -24.53 -9.05
CA TYR B 103 0.59 -24.51 -7.68
C TYR B 103 -0.29 -23.67 -6.72
N HIS B 104 -0.66 -22.48 -7.15
CA HIS B 104 -1.43 -21.57 -6.31
C HIS B 104 -2.96 -21.78 -6.36
N ASN B 105 -3.37 -23.02 -6.06
CA ASN B 105 -4.76 -23.45 -5.98
C ASN B 105 -5.06 -23.73 -4.50
N SER B 106 -6.25 -24.29 -4.21
CA SER B 106 -6.67 -24.46 -2.83
C SER B 106 -5.85 -25.47 -2.05
N LEU B 107 -5.14 -26.35 -2.75
CA LEU B 107 -4.29 -27.31 -2.08
C LEU B 107 -3.13 -26.65 -1.34
N HIS B 108 -2.49 -25.67 -1.99
CA HIS B 108 -1.39 -24.93 -1.37
C HIS B 108 -1.90 -24.11 -0.16
N ALA B 109 -3.05 -23.47 -0.26
CA ALA B 109 -3.61 -22.73 0.88
C ALA B 109 -3.87 -23.67 2.07
N ALA B 110 -4.40 -24.84 1.74
CA ALA B 110 -4.77 -25.82 2.74
C ALA B 110 -3.52 -26.30 3.47
N ASP B 111 -2.43 -26.41 2.70
CA ASP B 111 -1.16 -26.88 3.18
C ASP B 111 -0.56 -25.84 4.11
N VAL B 112 -0.60 -24.57 3.70
CA VAL B 112 -0.07 -23.50 4.50
C VAL B 112 -0.88 -23.34 5.82
N ALA B 113 -2.19 -23.49 5.75
CA ALA B 113 -3.06 -23.45 6.94
C ALA B 113 -2.72 -24.56 7.93
N GLN B 114 -2.58 -25.78 7.41
CA GLN B 114 -2.24 -26.94 8.24
C GLN B 114 -0.83 -26.82 8.85
N SER B 115 0.13 -26.38 8.04
CA SER B 115 1.50 -26.21 8.51
C SER B 115 1.56 -25.11 9.60
N THR B 116 0.76 -24.06 9.43
CA THR B 116 0.68 -22.98 10.42
C THR B 116 0.06 -23.53 11.72
N HIS B 117 -0.90 -24.42 11.57
CA HIS B 117 -1.54 -25.06 12.71
C HIS B 117 -0.53 -25.87 13.56
N VAL B 118 0.38 -26.58 12.90
CA VAL B 118 1.40 -27.36 13.60
C VAL B 118 2.40 -26.45 14.31
N LEU B 119 2.91 -25.45 13.60
CA LEU B 119 3.91 -24.52 14.13
C LEU B 119 3.41 -23.72 15.34
N LEU B 120 2.11 -23.44 15.36
CA LEU B 120 1.50 -22.72 16.47
C LEU B 120 1.55 -23.56 17.75
N SER B 121 1.64 -24.88 17.60
CA SER B 121 1.73 -25.81 18.74
C SER B 121 3.15 -26.11 19.19
N THR B 122 4.17 -25.60 18.51
CA THR B 122 5.55 -25.91 18.92
C THR B 122 5.72 -25.63 20.42
N PRO B 123 6.33 -26.56 21.16
CA PRO B 123 6.47 -26.42 22.61
C PRO B 123 7.00 -25.08 23.03
N ALA B 124 7.94 -24.49 22.31
CA ALA B 124 8.51 -23.20 22.70
C ALA B 124 7.54 -22.00 22.63
N LEU B 125 6.37 -22.16 22.01
CA LEU B 125 5.35 -21.10 21.91
C LEU B 125 4.11 -21.44 22.72
N ASP B 126 4.27 -22.34 23.67
CA ASP B 126 3.14 -22.81 24.45
C ASP B 126 2.52 -21.68 25.28
N ALA B 127 1.24 -21.39 25.02
CA ALA B 127 0.50 -20.36 25.75
C ALA B 127 0.98 -18.92 25.50
N VAL B 128 1.85 -18.73 24.50
CA VAL B 128 2.36 -17.41 24.15
C VAL B 128 1.29 -16.55 23.44
N PHE B 129 0.49 -17.18 22.59
CA PHE B 129 -0.56 -16.49 21.83
C PHE B 129 -1.93 -16.67 22.40
N THR B 130 -2.74 -15.62 22.25
CA THR B 130 -4.14 -15.66 22.66
C THR B 130 -4.90 -16.45 21.59
N ASP B 131 -6.14 -16.82 21.88
CA ASP B 131 -6.99 -17.52 20.91
C ASP B 131 -7.26 -16.67 19.66
N LEU B 132 -7.40 -15.36 19.85
CA LEU B 132 -7.64 -14.43 18.75
C LEU B 132 -6.46 -14.42 17.79
N GLU B 133 -5.24 -14.45 18.32
CA GLU B 133 -4.04 -14.48 17.49
C GLU B 133 -3.99 -15.78 16.72
N ILE B 134 -4.30 -16.90 17.38
CA ILE B 134 -4.31 -18.22 16.77
C ILE B 134 -5.31 -18.24 15.60
N LEU B 135 -6.49 -17.65 15.81
CA LEU B 135 -7.53 -17.56 14.78
C LEU B 135 -7.03 -16.79 13.55
N ALA B 136 -6.44 -15.62 13.78
CA ALA B 136 -5.94 -14.78 12.72
C ALA B 136 -4.89 -15.47 11.87
N ALA B 137 -4.02 -16.21 12.50
CA ALA B 137 -2.90 -16.85 11.81
C ALA B 137 -3.41 -17.94 10.89
N ILE B 138 -4.31 -18.79 11.36
CA ILE B 138 -4.83 -19.86 10.51
C ILE B 138 -5.71 -19.29 9.40
N PHE B 139 -6.51 -18.26 9.72
CA PHE B 139 -7.38 -17.60 8.72
C PHE B 139 -6.51 -16.90 7.66
N ALA B 140 -5.40 -16.28 8.07
CA ALA B 140 -4.51 -15.59 7.15
C ALA B 140 -3.95 -16.58 6.16
N ALA B 141 -3.55 -17.74 6.66
CA ALA B 141 -2.96 -18.81 5.86
C ALA B 141 -3.93 -19.30 4.81
N ALA B 142 -5.18 -19.52 5.23
CA ALA B 142 -6.21 -20.00 4.32
C ALA B 142 -6.55 -19.05 3.17
N ILE B 143 -6.54 -17.75 3.44
CA ILE B 143 -6.89 -16.75 2.44
C ILE B 143 -5.70 -16.19 1.69
N HIS B 144 -4.48 -16.49 2.16
CA HIS B 144 -3.27 -15.84 1.71
C HIS B 144 -2.90 -15.82 0.21
N ASP B 145 -3.44 -16.72 -0.60
CA ASP B 145 -3.20 -16.76 -2.08
C ASP B 145 -4.49 -16.80 -2.90
N VAL B 146 -5.61 -16.41 -2.30
CA VAL B 146 -6.90 -16.51 -2.95
C VAL B 146 -7.01 -15.64 -4.23
N ASP B 147 -7.62 -16.23 -5.26
CA ASP B 147 -7.76 -15.63 -6.58
C ASP B 147 -6.41 -15.37 -7.28
N HIS B 148 -5.41 -16.19 -6.99
CA HIS B 148 -4.08 -16.09 -7.60
C HIS B 148 -4.20 -16.48 -9.07
N PRO B 149 -3.73 -15.65 -10.01
CA PRO B 149 -3.89 -15.91 -11.44
C PRO B 149 -2.79 -16.77 -12.03
N GLY B 150 -1.81 -17.16 -11.21
CA GLY B 150 -0.73 -18.04 -11.63
C GLY B 150 0.48 -17.35 -12.21
N VAL B 151 0.56 -16.04 -12.01
CA VAL B 151 1.69 -15.24 -12.46
C VAL B 151 2.13 -14.36 -11.30
N SER B 152 3.32 -13.81 -11.42
CA SER B 152 3.88 -13.06 -10.33
C SER B 152 3.53 -11.58 -10.41
N ASN B 153 3.84 -10.88 -9.32
CA ASN B 153 3.63 -9.43 -9.20
C ASN B 153 4.36 -8.74 -10.31
N GLN B 154 5.59 -9.20 -10.61
CA GLN B 154 6.42 -8.55 -11.62
C GLN B 154 5.81 -8.69 -13.01
N PHE B 155 5.24 -9.85 -13.33
CA PHE B 155 4.53 -10.04 -14.61
C PHE B 155 3.29 -9.13 -14.71
N LEU B 156 2.56 -9.00 -13.61
CA LEU B 156 1.38 -8.16 -13.60
C LEU B 156 1.78 -6.69 -13.77
N ILE B 157 2.88 -6.29 -13.14
CA ILE B 157 3.39 -4.93 -13.23
C ILE B 157 3.88 -4.61 -14.67
N ASN B 158 4.68 -5.50 -15.26
CA ASN B 158 5.23 -5.29 -16.62
C ASN B 158 4.18 -5.38 -17.76
N THR B 159 3.03 -6.02 -17.50
CA THR B 159 1.98 -6.13 -18.52
C THR B 159 0.91 -5.09 -18.27
N ASN B 160 1.18 -4.14 -17.40
CA ASN B 160 0.23 -3.07 -17.08
C ASN B 160 -1.15 -3.65 -16.77
N SER B 161 -1.20 -4.62 -15.87
CA SER B 161 -2.49 -5.23 -15.53
C SER B 161 -3.28 -4.32 -14.64
N GLU B 162 -4.59 -4.54 -14.63
CA GLU B 162 -5.51 -3.73 -13.85
C GLU B 162 -5.18 -3.86 -12.38
N LEU B 163 -4.78 -5.05 -11.95
CA LEU B 163 -4.38 -5.22 -10.57
C LEU B 163 -3.14 -4.40 -10.19
N ALA B 164 -2.15 -4.29 -11.07
CA ALA B 164 -0.95 -3.49 -10.74
C ALA B 164 -1.32 -2.01 -10.74
N LEU B 165 -2.18 -1.62 -11.67
CA LEU B 165 -2.67 -0.25 -11.71
C LEU B 165 -3.42 0.07 -10.41
N MET B 166 -4.25 -0.85 -9.97
CA MET B 166 -5.03 -0.69 -8.77
C MET B 166 -4.20 -0.58 -7.49
N TYR B 167 -3.19 -1.43 -7.35
CA TYR B 167 -2.35 -1.46 -6.17
C TYR B 167 -1.02 -0.71 -6.29
N ASN B 168 -0.91 0.13 -7.30
CA ASN B 168 0.29 0.94 -7.50
C ASN B 168 1.59 0.16 -7.39
N ASP B 169 1.61 -1.02 -8.00
CA ASP B 169 2.80 -1.88 -8.06
C ASP B 169 3.35 -2.41 -6.72
N GLU B 170 2.70 -2.14 -5.58
CA GLU B 170 3.23 -2.62 -4.29
C GLU B 170 2.40 -3.78 -3.76
N SER B 171 3.08 -4.89 -3.42
CA SER B 171 2.47 -6.13 -2.94
C SER B 171 1.14 -6.33 -3.66
N VAL B 172 1.23 -6.37 -4.98
CA VAL B 172 0.05 -6.38 -5.82
C VAL B 172 -0.90 -7.52 -5.47
N LEU B 173 -0.41 -8.75 -5.56
CA LEU B 173 -1.25 -9.92 -5.29
C LEU B 173 -1.68 -10.08 -3.82
N GLU B 174 -0.76 -9.83 -2.90
CA GLU B 174 -0.99 -10.00 -1.48
C GLU B 174 -2.09 -9.01 -1.04
N ASN B 175 -2.03 -7.79 -1.56
CA ASN B 175 -3.14 -6.86 -1.31
C ASN B 175 -4.46 -7.42 -1.86
N HIS B 176 -4.41 -7.96 -3.08
CA HIS B 176 -5.58 -8.57 -3.70
C HIS B 176 -6.13 -9.78 -2.94
N HIS B 177 -5.29 -10.68 -2.45
CA HIS B 177 -5.79 -11.85 -1.71
C HIS B 177 -6.52 -11.40 -0.45
N LEU B 178 -6.00 -10.35 0.19
CA LEU B 178 -6.64 -9.79 1.37
C LEU B 178 -7.96 -9.15 1.01
N ALA B 179 -8.02 -8.43 -0.09
CA ALA B 179 -9.26 -7.75 -0.47
C ALA B 179 -10.36 -8.77 -0.72
N VAL B 180 -10.02 -9.91 -1.32
CA VAL B 180 -10.98 -10.93 -1.63
C VAL B 180 -11.43 -11.68 -0.37
N GLY B 181 -10.47 -12.06 0.47
CA GLY B 181 -10.76 -12.73 1.72
C GLY B 181 -11.72 -11.99 2.62
N PHE B 182 -11.44 -10.71 2.86
CA PHE B 182 -12.31 -9.88 3.72
C PHE B 182 -13.61 -9.48 3.04
N LYS B 183 -13.58 -9.35 1.71
CA LYS B 183 -14.79 -8.98 0.97
C LYS B 183 -15.82 -10.10 1.08
N LEU B 184 -15.38 -11.35 1.14
CA LEU B 184 -16.30 -12.49 1.26
C LEU B 184 -17.00 -12.56 2.63
N LEU B 185 -16.45 -11.91 3.66
CA LEU B 185 -17.02 -11.82 4.98
C LEU B 185 -18.08 -10.71 5.15
N GLN B 186 -18.26 -9.85 4.15
CA GLN B 186 -19.23 -8.75 4.27
C GLN B 186 -20.68 -9.26 4.30
N GLU B 187 -21.01 -10.25 3.47
CA GLU B 187 -22.36 -10.85 3.50
C GLU B 187 -22.60 -11.51 4.86
N GLU B 188 -23.77 -11.26 5.46
CA GLU B 188 -24.10 -11.77 6.81
C GLU B 188 -24.12 -13.30 6.94
N HIS B 189 -24.62 -14.01 5.92
CA HIS B 189 -24.65 -15.49 5.92
C HIS B 189 -23.25 -16.10 5.65
N CME B 190 -22.22 -15.29 5.95
CA CME B 190 -20.86 -15.79 5.72
CB CME B 190 -20.41 -15.48 4.28
SG CME B 190 -21.30 -16.47 3.09
SD CME B 190 -20.09 -17.13 1.67
CE CME B 190 -20.32 -16.05 0.30
CZ CME B 190 -19.70 -14.72 0.60
OH CME B 190 -20.40 -13.72 0.64
C CME B 190 -19.82 -15.17 6.62
O CME B 190 -18.79 -15.75 6.84
N ASP B 191 -20.21 -14.10 7.34
CA ASP B 191 -19.32 -13.43 8.30
C ASP B 191 -19.08 -14.38 9.48
N ILE B 192 -18.01 -15.15 9.38
CA ILE B 192 -17.66 -16.09 10.43
C ILE B 192 -17.26 -15.37 11.72
N PHE B 193 -16.84 -14.12 11.63
CA PHE B 193 -16.44 -13.33 12.79
C PHE B 193 -17.56 -12.42 13.34
N MET B 194 -18.80 -12.72 12.98
CA MET B 194 -19.97 -11.96 13.41
C MET B 194 -20.11 -11.84 14.95
N ASN B 195 -19.65 -12.84 15.68
CA ASN B 195 -19.78 -12.86 17.13
C ASN B 195 -18.60 -12.34 17.94
N LEU B 196 -17.49 -11.97 17.30
CA LEU B 196 -16.39 -11.31 18.02
C LEU B 196 -16.85 -9.88 18.32
N THR B 197 -16.20 -9.25 19.29
CA THR B 197 -16.51 -7.86 19.60
C THR B 197 -15.91 -6.94 18.51
N LYS B 198 -16.30 -5.67 18.53
CA LYS B 198 -15.78 -4.68 17.61
C LYS B 198 -14.27 -4.62 17.75
N LYS B 199 -13.79 -4.52 18.97
CA LYS B 199 -12.34 -4.45 19.25
C LYS B 199 -11.57 -5.69 18.75
N GLN B 200 -12.13 -6.89 18.97
CA GLN B 200 -11.50 -8.14 18.53
C GLN B 200 -11.42 -8.27 17.00
N ARG B 201 -12.44 -7.78 16.31
CA ARG B 201 -12.51 -7.84 14.86
C ARG B 201 -11.47 -6.89 14.25
N GLN B 202 -11.31 -5.70 14.84
CA GLN B 202 -10.27 -4.75 14.43
C GLN B 202 -8.89 -5.34 14.65
N THR B 203 -8.68 -5.96 15.80
CA THR B 203 -7.39 -6.53 16.13
C THR B 203 -7.05 -7.74 15.23
N LEU B 204 -8.07 -8.52 14.87
CA LEU B 204 -7.88 -9.66 13.97
C LEU B 204 -7.54 -9.15 12.56
N ARG B 205 -8.32 -8.17 12.07
CA ARG B 205 -8.09 -7.58 10.75
C ARG B 205 -6.65 -7.04 10.68
N LYS B 206 -6.24 -6.25 11.66
CA LYS B 206 -4.88 -5.71 11.65
C LYS B 206 -3.83 -6.86 11.56
N MET B 207 -4.01 -7.91 12.36
CA MET B 207 -3.06 -9.02 12.37
C MET B 207 -3.05 -9.79 11.05
N VAL B 208 -4.23 -9.98 10.47
CA VAL B 208 -4.39 -10.71 9.22
C VAL B 208 -3.72 -9.95 8.09
N ILE B 209 -4.03 -8.66 7.95
CA ILE B 209 -3.44 -7.84 6.91
C ILE B 209 -1.93 -7.91 7.00
N ASP B 210 -1.44 -7.71 8.21
CA ASP B 210 0.00 -7.75 8.48
C ASP B 210 0.61 -9.10 8.07
N MET B 211 -0.06 -10.21 8.38
CA MET B 211 0.51 -11.52 8.02
C MET B 211 0.52 -11.80 6.52
N VAL B 212 -0.54 -11.44 5.82
CA VAL B 212 -0.61 -11.74 4.37
C VAL B 212 0.35 -10.86 3.60
N LEU B 213 0.41 -9.56 3.93
CA LEU B 213 1.34 -8.65 3.28
C LEU B 213 2.76 -9.16 3.45
N ALA B 214 3.04 -9.79 4.57
CA ALA B 214 4.39 -10.31 4.79
C ALA B 214 4.73 -11.59 4.01
N THR B 215 3.81 -12.16 3.24
CA THR B 215 4.11 -13.33 2.37
C THR B 215 4.68 -12.90 1.02
N ASP B 216 4.79 -11.60 0.79
CA ASP B 216 5.39 -11.00 -0.41
C ASP B 216 6.89 -11.23 -0.31
N MET B 217 7.43 -12.04 -1.24
CA MET B 217 8.82 -12.42 -1.26
C MET B 217 9.80 -11.26 -1.32
N SER B 218 9.37 -10.12 -1.87
CA SER B 218 10.23 -8.96 -1.90
C SER B 218 10.48 -8.44 -0.47
N LYS B 219 9.75 -8.98 0.51
CA LYS B 219 9.94 -8.61 1.91
C LYS B 219 10.71 -9.69 2.69
N HIS B 220 11.17 -10.72 2.00
CA HIS B 220 11.81 -11.86 2.64
C HIS B 220 13.07 -11.55 3.47
N MET B 221 14.02 -10.85 2.85
CA MET B 221 15.27 -10.45 3.50
C MET B 221 14.99 -9.58 4.70
N SER B 222 14.13 -8.59 4.52
CA SER B 222 13.76 -7.68 5.60
C SER B 222 13.16 -8.43 6.81
N LEU B 223 12.41 -9.50 6.56
CA LEU B 223 11.80 -10.31 7.63
C LEU B 223 12.85 -11.21 8.29
N LEU B 224 13.72 -11.79 7.44
CA LEU B 224 14.77 -12.70 7.88
C LEU B 224 15.69 -11.97 8.85
N ALA B 225 16.07 -10.75 8.49
CA ALA B 225 16.95 -9.94 9.31
C ALA B 225 16.29 -9.58 10.64
N ASP B 226 15.01 -9.23 10.65
CA ASP B 226 14.32 -8.91 11.91
C ASP B 226 14.10 -10.12 12.83
N LEU B 227 14.05 -11.33 12.25
CA LEU B 227 13.91 -12.54 13.04
C LEU B 227 15.25 -12.89 13.69
N LYS B 228 16.36 -12.64 12.96
CA LYS B 228 17.71 -12.89 13.48
C LYS B 228 17.95 -12.00 14.69
N THR B 229 17.49 -10.75 14.58
CA THR B 229 17.58 -9.76 15.66
C THR B 229 16.76 -10.17 16.89
N MET B 230 15.64 -10.84 16.62
CA MET B 230 14.75 -11.33 17.66
C MET B 230 15.30 -12.57 18.38
N VAL B 231 16.07 -13.39 17.66
CA VAL B 231 16.74 -14.55 18.26
C VAL B 231 17.88 -14.04 19.15
N GLU B 232 18.62 -13.04 18.66
CA GLU B 232 19.74 -12.46 19.39
C GLU B 232 19.35 -12.00 20.79
N THR B 233 18.10 -11.55 20.94
CA THR B 233 17.59 -11.09 22.24
C THR B 233 16.48 -12.02 22.74
N LYS B 234 16.53 -13.28 22.31
CA LYS B 234 15.57 -14.28 22.72
C LYS B 234 15.62 -14.46 24.24
N LYS B 235 14.51 -14.13 24.89
CA LYS B 235 14.36 -14.35 26.31
C LYS B 235 13.41 -15.55 26.44
N VAL B 236 13.44 -16.18 27.60
CA VAL B 236 12.68 -17.39 27.82
C VAL B 236 12.37 -17.55 29.32
N THR B 237 11.31 -18.27 29.66
CA THR B 237 10.98 -18.52 31.06
C THR B 237 11.94 -19.60 31.56
N SER B 238 11.79 -20.00 32.81
CA SER B 238 12.62 -21.07 33.38
C SER B 238 12.05 -22.45 33.01
N SER B 239 11.49 -22.56 31.81
CA SER B 239 10.90 -23.80 31.30
C SER B 239 11.02 -23.93 29.77
N GLY B 240 11.87 -23.11 29.15
CA GLY B 240 12.07 -23.17 27.71
C GLY B 240 10.89 -22.70 26.87
N VAL B 241 10.13 -21.73 27.38
CA VAL B 241 8.98 -21.16 26.67
C VAL B 241 9.21 -19.66 26.45
N LEU B 242 9.36 -19.28 25.18
CA LEU B 242 9.60 -17.89 24.76
C LEU B 242 8.79 -16.87 25.52
N LEU B 243 9.43 -15.75 25.81
CA LEU B 243 8.81 -14.63 26.49
C LEU B 243 8.60 -13.55 25.43
N LEU B 244 7.33 -13.25 25.16
CA LEU B 244 6.95 -12.19 24.23
C LEU B 244 5.94 -11.33 25.01
N ASP B 245 6.41 -10.24 25.60
CA ASP B 245 5.55 -9.40 26.43
C ASP B 245 5.27 -8.07 25.73
N ASN B 246 4.85 -8.17 24.47
CA ASN B 246 4.63 -7.01 23.62
C ASN B 246 3.88 -7.40 22.34
N TYR B 247 2.88 -6.62 21.94
CA TYR B 247 2.16 -6.97 20.73
C TYR B 247 3.12 -7.07 19.54
N THR B 248 4.05 -6.13 19.45
CA THR B 248 5.02 -6.09 18.34
C THR B 248 5.81 -7.37 18.19
N ASP B 249 6.15 -7.96 19.33
CA ASP B 249 6.93 -9.17 19.37
C ASP B 249 6.09 -10.39 18.96
N ARG B 250 4.84 -10.46 19.45
CA ARG B 250 3.94 -11.56 19.11
C ARG B 250 3.65 -11.60 17.61
N ILE B 251 3.26 -10.46 17.02
CA ILE B 251 2.95 -10.43 15.58
C ILE B 251 4.19 -10.67 14.70
N GLN B 252 5.37 -10.35 15.23
CA GLN B 252 6.61 -10.55 14.50
C GLN B 252 6.88 -12.04 14.30
N VAL B 253 6.59 -12.82 15.35
CA VAL B 253 6.73 -14.27 15.32
C VAL B 253 5.66 -14.88 14.42
N LEU B 254 4.45 -14.30 14.42
CA LEU B 254 3.33 -14.79 13.60
C LEU B 254 3.54 -14.56 12.11
N ARG B 255 3.99 -13.37 11.73
CA ARG B 255 4.38 -13.04 10.35
C ARG B 255 5.38 -14.07 9.84
N ASN B 256 6.42 -14.33 10.64
CA ASN B 256 7.48 -15.25 10.26
C ASN B 256 7.04 -16.70 10.28
N MET B 257 6.08 -17.00 11.14
CA MET B 257 5.56 -18.35 11.21
C MET B 257 4.79 -18.68 9.93
N VAL B 258 3.93 -17.76 9.45
CA VAL B 258 3.17 -17.98 8.20
C VAL B 258 4.09 -17.95 7.01
N HIS B 259 5.13 -17.13 7.08
CA HIS B 259 6.05 -17.02 5.97
C HIS B 259 6.80 -18.32 5.83
N CYS B 260 7.16 -18.94 6.97
CA CYS B 260 7.88 -20.23 7.00
C CYS B 260 6.96 -21.35 6.49
N ALA B 261 5.69 -21.30 6.84
CA ALA B 261 4.73 -22.30 6.34
C ALA B 261 4.63 -22.20 4.82
N ASP B 262 4.54 -20.96 4.30
CA ASP B 262 4.60 -20.67 2.87
C ASP B 262 5.86 -21.22 2.19
N LEU B 263 6.98 -21.23 2.89
CA LEU B 263 8.24 -21.78 2.38
C LEU B 263 8.58 -23.12 3.02
N SER B 264 7.57 -23.89 3.39
CA SER B 264 7.76 -25.18 4.06
C SER B 264 7.84 -26.38 3.14
N ASN B 265 7.51 -26.27 1.86
CA ASN B 265 7.55 -27.46 0.99
C ASN B 265 8.85 -28.26 1.11
N PRO B 266 10.03 -27.64 1.01
CA PRO B 266 11.27 -28.41 1.08
C PRO B 266 11.57 -29.04 2.44
N THR B 267 10.84 -28.66 3.50
CA THR B 267 10.98 -29.25 4.83
C THR B 267 10.07 -30.47 5.04
N LYS B 268 9.21 -30.77 4.06
CA LYS B 268 8.31 -31.90 4.15
C LYS B 268 9.02 -33.15 3.65
N SER B 269 8.38 -34.31 3.81
CA SER B 269 8.97 -35.57 3.32
C SER B 269 9.27 -35.38 1.84
N LEU B 270 10.23 -36.15 1.34
CA LEU B 270 10.68 -36.05 -0.03
C LEU B 270 9.57 -36.28 -1.06
N GLU B 271 8.74 -37.28 -0.83
CA GLU B 271 7.59 -37.58 -1.70
C GLU B 271 6.63 -36.37 -1.86
N LEU B 272 6.45 -35.58 -0.79
CA LEU B 272 5.56 -34.41 -0.85
C LEU B 272 6.27 -33.24 -1.54
N TYR B 273 7.52 -33.01 -1.15
CA TYR B 273 8.34 -31.93 -1.71
C TYR B 273 8.39 -32.02 -3.23
N ARG B 274 8.66 -33.21 -3.76
CA ARG B 274 8.74 -33.39 -5.21
C ARG B 274 7.45 -33.05 -5.92
N GLN B 275 6.32 -33.43 -5.35
CA GLN B 275 5.03 -33.08 -6.00
C GLN B 275 4.83 -31.56 -5.98
N TRP B 276 5.22 -30.91 -4.89
CA TRP B 276 5.14 -29.44 -4.82
C TRP B 276 6.02 -28.77 -5.86
N THR B 277 7.22 -29.32 -6.06
CA THR B 277 8.17 -28.82 -7.05
C THR B 277 7.63 -28.96 -8.47
N ASP B 278 7.04 -30.11 -8.79
CA ASP B 278 6.46 -30.33 -10.13
C ASP B 278 5.42 -29.28 -10.45
N ARG B 279 4.70 -28.87 -9.40
CA ARG B 279 3.61 -27.92 -9.53
C ARG B 279 4.09 -26.49 -9.68
N ILE B 280 5.07 -26.06 -8.88
CA ILE B 280 5.61 -24.70 -8.97
C ILE B 280 6.31 -24.50 -10.31
N MET B 281 7.02 -25.54 -10.78
CA MET B 281 7.72 -25.49 -12.07
C MET B 281 6.74 -25.43 -13.23
N GLU B 282 5.68 -26.21 -13.14
CA GLU B 282 4.68 -26.17 -14.17
C GLU B 282 4.05 -24.75 -14.27
N GLU B 283 3.80 -24.11 -13.11
CA GLU B 283 3.22 -22.76 -13.07
C GLU B 283 4.25 -21.74 -13.58
N PHE B 284 5.48 -21.85 -13.07
CA PHE B 284 6.59 -20.99 -13.45
C PHE B 284 6.89 -21.08 -14.95
N PHE B 285 6.92 -22.29 -15.50
CA PHE B 285 7.19 -22.47 -16.93
C PHE B 285 6.00 -21.98 -17.75
N GLN B 286 4.78 -22.05 -17.22
CA GLN B 286 3.61 -21.52 -17.97
C GLN B 286 3.70 -19.99 -18.01
N GLN B 287 4.24 -19.37 -16.97
CA GLN B 287 4.42 -17.91 -16.99
C GLN B 287 5.55 -17.59 -17.98
N GLY B 288 6.55 -18.47 -18.08
CA GLY B 288 7.64 -18.26 -19.03
C GLY B 288 7.17 -18.30 -20.48
N ASP B 289 6.24 -19.18 -20.79
CA ASP B 289 5.66 -19.28 -22.12
C ASP B 289 4.82 -18.01 -22.44
N LYS B 290 4.12 -17.46 -21.46
CA LYS B 290 3.34 -16.24 -21.67
C LYS B 290 4.28 -15.11 -21.98
N GLU B 291 5.35 -15.01 -21.18
CA GLU B 291 6.36 -13.95 -21.34
C GLU B 291 6.98 -14.00 -22.74
N ARG B 292 7.23 -15.20 -23.28
CA ARG B 292 7.82 -15.37 -24.60
C ARG B 292 6.86 -14.91 -25.70
N GLU B 293 5.63 -15.41 -25.67
CA GLU B 293 4.58 -15.02 -26.62
C GLU B 293 4.48 -13.50 -26.73
N ARG B 294 4.52 -12.84 -25.57
CA ARG B 294 4.37 -11.40 -25.49
C ARG B 294 5.63 -10.61 -25.88
N GLY B 295 6.75 -11.30 -26.05
CA GLY B 295 8.02 -10.66 -26.42
C GLY B 295 8.81 -10.06 -25.25
N MET B 296 8.39 -10.34 -24.02
CA MET B 296 9.08 -9.82 -22.84
C MET B 296 10.33 -10.65 -22.57
N GLU B 297 11.11 -10.20 -21.57
CA GLU B 297 12.28 -10.94 -21.13
C GLU B 297 11.76 -12.10 -20.27
N ILE B 298 12.30 -13.30 -20.52
CA ILE B 298 11.93 -14.48 -19.76
C ILE B 298 12.77 -14.56 -18.50
N SER B 299 12.15 -14.92 -17.39
CA SER B 299 12.87 -15.10 -16.13
C SER B 299 13.67 -16.43 -16.31
N PRO B 300 14.96 -16.47 -15.99
CA PRO B 300 15.76 -17.68 -16.21
C PRO B 300 15.29 -18.97 -15.51
N MET B 301 14.70 -18.87 -14.32
CA MET B 301 14.23 -20.06 -13.61
C MET B 301 12.86 -20.44 -14.11
N CYS B 302 12.22 -19.51 -14.84
CA CYS B 302 10.92 -19.74 -15.50
C CYS B 302 11.06 -20.15 -16.97
N ASP B 303 12.29 -20.27 -17.48
CA ASP B 303 12.54 -20.62 -18.88
C ASP B 303 12.74 -22.13 -19.03
N LYS B 304 11.75 -22.80 -19.63
CA LYS B 304 11.75 -24.28 -19.73
C LYS B 304 12.80 -24.88 -20.67
N HIS B 305 13.29 -24.08 -21.63
CA HIS B 305 14.30 -24.55 -22.59
C HIS B 305 15.73 -24.61 -22.05
N THR B 306 15.99 -23.97 -20.90
CA THR B 306 17.32 -23.89 -20.30
C THR B 306 17.41 -24.16 -18.80
N ALA B 307 16.29 -24.04 -18.07
CA ALA B 307 16.30 -24.15 -16.62
C ALA B 307 16.44 -25.57 -16.11
N SER B 308 17.29 -25.73 -15.10
CA SER B 308 17.49 -26.99 -14.44
C SER B 308 16.62 -26.95 -13.19
N VAL B 309 15.61 -27.82 -13.15
CA VAL B 309 14.71 -27.97 -12.01
C VAL B 309 15.51 -28.28 -10.74
N GLU B 310 16.52 -29.13 -10.89
CA GLU B 310 17.32 -29.63 -9.78
C GLU B 310 18.25 -28.58 -9.17
N LYS B 311 18.92 -27.82 -10.03
CA LYS B 311 19.79 -26.74 -9.60
C LYS B 311 18.97 -25.67 -8.86
N SER B 312 17.81 -25.37 -9.40
CA SER B 312 16.92 -24.35 -8.83
C SER B 312 16.43 -24.74 -7.43
N GLN B 313 16.14 -26.02 -7.22
CA GLN B 313 15.69 -26.46 -5.92
C GLN B 313 16.83 -26.37 -4.88
N VAL B 314 18.04 -26.73 -5.28
CA VAL B 314 19.18 -26.67 -4.38
C VAL B 314 19.50 -25.20 -4.00
N GLY B 315 19.40 -24.31 -5.00
CA GLY B 315 19.65 -22.89 -4.83
C GLY B 315 18.57 -22.27 -3.97
N PHE B 316 17.34 -22.74 -4.16
CA PHE B 316 16.19 -22.27 -3.40
C PHE B 316 16.38 -22.59 -1.93
N ILE B 317 16.90 -23.78 -1.64
CA ILE B 317 17.14 -24.19 -0.26
C ILE B 317 18.32 -23.43 0.36
N ASP B 318 19.42 -23.34 -0.36
CA ASP B 318 20.65 -22.70 0.18
C ASP B 318 20.47 -21.22 0.51
N TYR B 319 19.76 -20.48 -0.35
CA TYR B 319 19.66 -19.03 -0.22
C TYR B 319 18.39 -18.50 0.42
N ILE B 320 17.32 -19.26 0.37
CA ILE B 320 16.09 -18.75 0.94
C ILE B 320 15.55 -19.58 2.05
N VAL B 321 15.27 -20.85 1.76
CA VAL B 321 14.62 -21.75 2.71
C VAL B 321 15.46 -22.12 3.94
N HIS B 322 16.65 -22.67 3.73
CA HIS B 322 17.49 -23.02 4.87
C HIS B 322 17.80 -21.81 5.77
N PRO B 323 18.28 -20.69 5.25
CA PRO B 323 18.57 -19.52 6.11
C PRO B 323 17.42 -19.11 7.01
N LEU B 324 16.20 -19.19 6.48
CA LEU B 324 15.01 -18.84 7.24
C LEU B 324 14.71 -19.90 8.31
N TRP B 325 14.71 -21.17 7.91
CA TRP B 325 14.36 -22.25 8.83
C TRP B 325 15.42 -22.48 9.90
N GLU B 326 16.65 -22.12 9.55
CA GLU B 326 17.77 -22.21 10.48
C GLU B 326 17.54 -21.18 11.58
N THR B 327 17.09 -19.98 11.19
CA THR B 327 16.79 -18.93 12.15
C THR B 327 15.56 -19.28 12.99
N TRP B 328 14.55 -19.92 12.37
CA TRP B 328 13.34 -20.32 13.07
C TRP B 328 13.70 -21.36 14.12
N ALA B 329 14.50 -22.36 13.72
CA ALA B 329 15.00 -23.42 14.61
C ALA B 329 15.71 -22.85 15.82
N ASP B 330 16.43 -21.74 15.65
CA ASP B 330 17.14 -21.10 16.77
C ASP B 330 16.16 -20.45 17.74
N LEU B 331 15.09 -19.91 17.18
CA LEU B 331 14.08 -19.26 17.97
C LEU B 331 13.32 -20.26 18.84
N VAL B 332 13.07 -21.45 18.31
CA VAL B 332 12.30 -22.48 19.00
C VAL B 332 13.10 -23.72 19.38
N GLN B 333 14.44 -23.65 19.40
CA GLN B 333 15.23 -24.87 19.61
C GLN B 333 14.82 -25.64 20.88
N PRO B 334 14.86 -26.97 20.85
CA PRO B 334 15.28 -27.78 19.71
C PRO B 334 14.12 -28.34 18.89
N ASP B 335 12.92 -27.77 19.08
CA ASP B 335 11.68 -28.24 18.46
C ASP B 335 11.66 -28.44 16.95
N ALA B 336 12.52 -27.74 16.22
CA ALA B 336 12.53 -27.83 14.77
C ALA B 336 13.77 -28.51 14.18
N GLN B 337 14.46 -29.32 14.98
CA GLN B 337 15.65 -30.02 14.53
C GLN B 337 15.32 -31.07 13.48
N ASP B 338 14.20 -31.77 13.64
CA ASP B 338 13.79 -32.78 12.67
C ASP B 338 13.62 -32.11 11.30
N ILE B 339 12.95 -30.97 11.29
CA ILE B 339 12.69 -30.22 10.05
C ILE B 339 14.01 -29.87 9.36
N LEU B 340 14.96 -29.35 10.12
CA LEU B 340 16.29 -29.02 9.59
C LEU B 340 16.95 -30.27 8.96
N ASP B 341 16.83 -31.41 9.63
CA ASP B 341 17.43 -32.65 9.13
C ASP B 341 16.80 -33.11 7.83
N THR B 342 15.47 -33.04 7.74
CA THR B 342 14.78 -33.39 6.51
C THR B 342 15.19 -32.43 5.38
N LEU B 343 15.37 -31.15 5.71
CA LEU B 343 15.75 -30.14 4.72
C LEU B 343 17.15 -30.42 4.17
N GLU B 344 18.08 -30.88 5.01
CA GLU B 344 19.44 -31.25 4.58
C GLU B 344 19.40 -32.49 3.68
N ASP B 345 18.51 -33.43 3.99
CA ASP B 345 18.36 -34.66 3.22
C ASP B 345 17.74 -34.38 1.85
N ASN B 346 16.76 -33.47 1.82
CA ASN B 346 16.06 -33.14 0.58
C ASN B 346 16.99 -32.36 -0.36
N ARG B 347 17.76 -31.45 0.23
CA ARG B 347 18.73 -30.66 -0.52
C ARG B 347 19.74 -31.61 -1.18
N ASN B 348 20.21 -32.60 -0.44
CA ASN B 348 21.21 -33.54 -0.97
C ASN B 348 20.64 -34.45 -2.07
N TRP B 349 19.37 -34.86 -1.98
CA TRP B 349 18.77 -35.69 -3.00
C TRP B 349 18.70 -34.94 -4.33
N TYR B 350 18.23 -33.67 -4.31
CA TYR B 350 18.15 -32.83 -5.53
C TYR B 350 19.54 -32.56 -6.12
N GLN B 351 20.53 -32.33 -5.25
CA GLN B 351 21.92 -32.13 -5.67
C GLN B 351 22.47 -33.37 -6.41
N SER B 352 22.10 -34.56 -5.91
CA SER B 352 22.53 -35.83 -6.52
C SER B 352 21.80 -36.17 -7.83
N MET B 353 20.75 -35.43 -8.17
CA MET B 353 20.04 -35.63 -9.45
C MET B 353 20.66 -34.77 -10.55
N ILE B 354 21.53 -33.83 -10.17
CA ILE B 354 22.26 -32.97 -11.11
C ILE B 354 23.53 -33.64 -11.65
N PRO B 355 23.63 -33.85 -12.97
CA PRO B 355 24.89 -34.35 -13.55
C PRO B 355 26.02 -33.31 -13.41
ZN ZN C . -4.61 17.60 -1.05
MG MG D . -5.17 13.93 0.01
O24 ROF E . -5.71 18.56 6.82
C23 ROF E . -8.92 21.36 12.00
C22 ROF E . -9.49 22.58 11.25
C21 ROF E . -8.03 22.25 11.19
C8 ROF E . -5.66 19.32 5.86
C9 ROF E . -6.06 20.76 6.12
C10 ROF E . -5.96 21.75 5.13
C11 ROF E . -6.33 23.07 5.37
C12 ROF E . -6.81 23.44 6.62
O15 ROF E . -7.22 24.74 6.94
C16 ROF E . -7.06 25.87 6.09
F18 ROF E . -5.74 25.95 5.76
F17 ROF E . -7.85 25.71 5.00
C13 ROF E . -6.92 22.41 7.68
O19 ROF E . -7.42 22.75 8.92
C20 ROF E . -7.00 22.07 10.12
C14 ROF E . -6.53 21.10 7.36
N7 ROF E . -5.30 18.91 4.64
C6 ROF E . -5.03 17.62 4.36
C5 ROF E . -5.99 16.48 4.48
CL26 ROF E . -7.61 16.72 4.96
C4 ROF E . -5.57 15.19 4.16
N3 ROF E . -4.32 14.94 3.72
C2 ROF E . -3.38 15.90 3.58
C1 ROF E . -3.68 17.23 3.88
CL25 ROF E . -2.44 18.41 3.68
ZN ZN F . 1.53 -18.98 -0.72
MG MG G . 1.42 -15.65 -2.16
O24 ROF H . 8.51 -19.00 -4.57
C23 ROF H . 12.98 -21.62 -8.82
C22 ROF H . 12.34 -23.04 -8.88
C21 ROF H . 12.71 -22.41 -7.58
C8 ROF H . 7.86 -19.85 -3.98
C9 ROF H . 8.29 -21.27 -4.19
C10 ROF H . 7.69 -22.37 -3.55
C11 ROF H . 8.13 -23.68 -3.77
C12 ROF H . 9.19 -23.94 -4.61
O15 ROF H . 9.70 -25.18 -4.87
C16 ROF H . 9.20 -26.39 -4.35
F18 ROF H . 9.43 -26.43 -3.02
F17 ROF H . 7.86 -26.47 -4.61
C13 ROF H . 9.86 -22.77 -5.27
O19 ROF H . 10.90 -22.98 -6.12
C20 ROF H . 12.04 -22.14 -6.25
C14 ROF H . 9.37 -21.50 -5.04
N7 ROF H . 6.79 -19.56 -3.20
C6 ROF H . 6.31 -18.30 -3.14
C5 ROF H . 5.90 -17.46 -4.28
CL26 ROF H . 5.93 -18.12 -5.85
C4 ROF H . 5.47 -16.16 -4.08
N3 ROF H . 5.42 -15.64 -2.82
C2 ROF H . 5.78 -16.33 -1.73
C1 ROF H . 6.23 -17.64 -1.85
CL25 ROF H . 6.72 -18.54 -0.48
#